data_6C00
#
_entry.id   6C00
#
_entity_poly.entity_id   1
_entity_poly.type   'polypeptide(L)'
_entity_poly.pdbx_seq_one_letter_code
;MASMAKKDVIELEGTVSEALPNAMFKVKLENGHEILCHISGKLRMNFIRILEGDKVNVELSPYDLTRGRITWRKKLEHHH
HHH
;
_entity_poly.pdbx_strand_id   A
#
# COMPACT_ATOMS: atom_id res chain seq x y z
N MET A 4 -2.51 5.85 26.07
CA MET A 4 -1.08 6.22 25.91
C MET A 4 -0.68 6.14 24.44
N ALA A 5 -1.64 5.83 23.61
CA ALA A 5 -1.33 5.74 22.15
C ALA A 5 -2.59 5.41 21.35
N LYS A 6 -3.47 6.37 21.26
CA LYS A 6 -4.73 6.14 20.50
C LYS A 6 -4.61 6.70 19.09
N LYS A 7 -4.68 5.84 18.10
CA LYS A 7 -4.56 6.32 16.71
C LYS A 7 -4.84 5.20 15.72
N ASP A 8 -5.72 5.47 14.78
CA ASP A 8 -6.06 4.44 13.76
C ASP A 8 -5.57 4.87 12.37
N VAL A 9 -6.05 4.20 11.36
CA VAL A 9 -5.61 4.55 9.98
C VAL A 9 -6.75 4.38 8.98
N ILE A 10 -6.50 4.76 7.75
CA ILE A 10 -7.56 4.63 6.70
C ILE A 10 -7.21 3.50 5.74
N GLU A 11 -7.85 2.37 5.92
CA GLU A 11 -7.56 1.22 5.03
C GLU A 11 -8.33 1.34 3.71
N LEU A 12 -7.59 1.50 2.64
CA LEU A 12 -8.24 1.62 1.30
C LEU A 12 -7.56 0.70 0.29
N GLU A 13 -8.22 0.48 -0.82
CA GLU A 13 -7.63 -0.42 -1.86
C GLU A 13 -6.94 0.40 -2.93
N GLY A 14 -5.86 -0.14 -3.47
CA GLY A 14 -5.13 0.61 -4.53
C GLY A 14 -4.37 -0.37 -5.41
N THR A 15 -4.11 0.04 -6.63
CA THR A 15 -3.37 -0.86 -7.55
C THR A 15 -1.94 -0.39 -7.71
N VAL A 16 -1.02 -1.27 -7.45
CA VAL A 16 0.40 -0.87 -7.59
C VAL A 16 0.69 -0.48 -9.02
N SER A 17 0.98 0.77 -9.22
CA SER A 17 1.28 1.22 -10.59
C SER A 17 2.75 1.07 -10.93
N GLU A 18 3.61 1.18 -9.95
CA GLU A 18 5.05 1.03 -10.23
C GLU A 18 5.82 0.57 -8.98
N ALA A 19 6.98 -0.01 -9.21
CA ALA A 19 7.80 -0.50 -8.08
C ALA A 19 9.20 0.12 -8.13
N LEU A 20 9.57 0.75 -7.05
CA LEU A 20 10.92 1.39 -6.99
C LEU A 20 11.74 0.80 -5.84
N PRO A 21 13.03 1.01 -5.91
CA PRO A 21 13.94 0.50 -4.88
C PRO A 21 13.53 0.99 -3.50
N ASN A 22 14.29 0.58 -2.53
CA ASN A 22 13.98 1.00 -1.14
C ASN A 22 12.78 0.24 -0.59
N ALA A 23 12.44 -0.84 -1.23
CA ALA A 23 11.28 -1.62 -0.76
C ALA A 23 10.02 -0.77 -0.74
N MET A 24 9.75 -0.12 -1.84
CA MET A 24 8.56 0.74 -1.93
C MET A 24 7.96 0.63 -3.30
N PHE A 25 6.82 1.20 -3.46
CA PHE A 25 6.15 1.16 -4.77
C PHE A 25 5.10 2.25 -4.91
N LYS A 26 4.66 2.46 -6.11
CA LYS A 26 3.63 3.49 -6.36
C LYS A 26 2.26 2.83 -6.48
N VAL A 27 1.25 3.48 -5.98
CA VAL A 27 -0.11 2.88 -6.06
C VAL A 27 -1.12 3.90 -6.56
N LYS A 28 -1.98 3.45 -7.44
CA LYS A 28 -3.02 4.36 -7.99
C LYS A 28 -4.42 3.97 -7.51
N LEU A 29 -5.11 4.92 -6.95
CA LEU A 29 -6.47 4.64 -6.46
C LEU A 29 -7.50 4.84 -7.57
N GLU A 30 -8.60 4.14 -7.46
CA GLU A 30 -9.64 4.27 -8.50
C GLU A 30 -10.10 5.72 -8.62
N ASN A 31 -9.80 6.50 -7.63
CA ASN A 31 -10.20 7.92 -7.68
C ASN A 31 -9.41 8.68 -8.74
N GLY A 32 -8.35 8.07 -9.20
CA GLY A 32 -7.50 8.72 -10.25
C GLY A 32 -6.22 9.29 -9.62
N HIS A 33 -6.19 9.34 -8.32
CA HIS A 33 -4.97 9.89 -7.66
C HIS A 33 -3.93 8.80 -7.44
N GLU A 34 -2.79 9.20 -6.94
CA GLU A 34 -1.71 8.21 -6.69
C GLU A 34 -1.04 8.50 -5.36
N ILE A 35 -0.57 7.46 -4.72
CA ILE A 35 0.10 7.65 -3.41
C ILE A 35 1.29 6.71 -3.25
N LEU A 36 2.22 7.12 -2.44
CA LEU A 36 3.41 6.27 -2.24
C LEU A 36 3.12 5.28 -1.14
N CYS A 37 3.70 4.11 -1.25
CA CYS A 37 3.45 3.09 -0.20
C CYS A 37 4.71 2.34 0.14
N HIS A 38 4.80 1.94 1.39
CA HIS A 38 6.00 1.19 1.84
C HIS A 38 5.61 -0.19 2.35
N ILE A 39 6.52 -1.10 2.31
CA ILE A 39 6.20 -2.47 2.78
C ILE A 39 6.34 -2.58 4.29
N SER A 40 5.49 -3.39 4.87
CA SER A 40 5.54 -3.56 6.34
C SER A 40 6.34 -4.82 6.71
N GLY A 41 6.62 -4.95 7.97
CA GLY A 41 7.40 -6.15 8.43
C GLY A 41 6.50 -7.38 8.55
N LYS A 42 5.20 -7.17 8.55
CA LYS A 42 4.30 -8.34 8.68
C LYS A 42 4.22 -9.12 7.38
N LEU A 43 3.74 -8.51 6.35
CA LEU A 43 3.64 -9.23 5.08
C LEU A 43 5.01 -9.71 4.68
N ARG A 44 6.01 -9.10 5.25
CA ARG A 44 7.39 -9.51 4.94
C ARG A 44 7.66 -10.87 5.53
N MET A 45 7.21 -11.05 6.75
CA MET A 45 7.42 -12.35 7.41
C MET A 45 6.75 -13.44 6.61
N ASN A 46 5.63 -13.11 6.00
CA ASN A 46 4.93 -14.13 5.20
C ASN A 46 5.80 -14.56 4.01
N PHE A 47 6.78 -13.75 3.71
CA PHE A 47 7.70 -14.06 2.57
C PHE A 47 6.98 -13.99 1.22
N ILE A 48 6.69 -12.78 0.77
CA ILE A 48 6.00 -12.61 -0.53
C ILE A 48 6.86 -11.84 -1.53
N ARG A 49 6.46 -11.89 -2.77
CA ARG A 49 7.19 -11.19 -3.83
C ARG A 49 6.21 -10.66 -4.87
N ILE A 50 5.51 -9.61 -4.50
CA ILE A 50 4.52 -9.02 -5.42
C ILE A 50 5.17 -8.17 -6.52
N LEU A 51 4.53 -8.14 -7.67
CA LEU A 51 5.08 -7.35 -8.81
C LEU A 51 4.07 -6.28 -9.24
N GLU A 52 4.57 -5.12 -9.55
CA GLU A 52 3.66 -4.02 -9.97
C GLU A 52 2.52 -4.52 -10.84
N GLY A 53 1.39 -3.87 -10.74
CA GLY A 53 0.21 -4.30 -11.55
C GLY A 53 -0.73 -5.15 -10.70
N ASP A 54 -0.30 -5.43 -9.49
CA ASP A 54 -1.15 -6.25 -8.60
C ASP A 54 -1.94 -5.37 -7.63
N LYS A 55 -3.18 -5.73 -7.41
CA LYS A 55 -4.00 -4.93 -6.49
C LYS A 55 -3.63 -5.19 -5.07
N VAL A 56 -3.68 -4.17 -4.27
CA VAL A 56 -3.32 -4.35 -2.87
C VAL A 56 -4.08 -3.40 -1.97
N ASN A 57 -4.02 -3.65 -0.69
CA ASN A 57 -4.73 -2.76 0.25
C ASN A 57 -3.76 -1.69 0.72
N VAL A 58 -4.15 -0.46 0.60
CA VAL A 58 -3.26 0.63 1.02
C VAL A 58 -3.69 1.25 2.34
N GLU A 59 -2.75 1.35 3.24
CA GLU A 59 -3.03 1.93 4.57
C GLU A 59 -2.43 3.34 4.65
N LEU A 60 -3.28 4.34 4.67
CA LEU A 60 -2.76 5.73 4.75
C LEU A 60 -2.57 6.16 6.19
N SER A 61 -1.52 6.92 6.42
CA SER A 61 -1.25 7.39 7.81
C SER A 61 -1.76 8.83 8.03
N PRO A 62 -2.48 9.07 9.15
CA PRO A 62 -3.01 10.40 9.44
C PRO A 62 -1.90 11.43 9.57
N TYR A 63 -0.68 11.00 9.42
CA TYR A 63 0.44 11.92 9.52
C TYR A 63 0.61 12.64 8.22
N ASP A 64 0.08 12.03 7.20
CA ASP A 64 0.17 12.63 5.87
C ASP A 64 -0.52 11.74 4.86
N LEU A 65 -1.67 12.14 4.43
CA LEU A 65 -2.41 11.32 3.43
C LEU A 65 -1.66 11.29 2.12
N THR A 66 -0.40 11.58 2.18
CA THR A 66 0.43 11.58 0.96
C THR A 66 1.19 10.27 0.85
N ARG A 67 1.22 9.54 1.93
CA ARG A 67 1.95 8.24 1.92
C ARG A 67 1.15 7.16 2.68
N GLY A 68 1.26 5.95 2.21
CA GLY A 68 0.55 4.82 2.87
C GLY A 68 1.46 3.59 2.92
N ARG A 69 0.86 2.42 2.92
CA ARG A 69 1.70 1.18 2.96
C ARG A 69 0.90 -0.08 2.63
N ILE A 70 1.54 -1.00 1.94
CA ILE A 70 0.86 -2.27 1.56
C ILE A 70 1.14 -3.34 2.60
N THR A 71 0.10 -3.83 3.22
CA THR A 71 0.28 -4.88 4.25
C THR A 71 -0.60 -6.07 3.95
N TRP A 72 -1.22 -6.06 2.81
CA TRP A 72 -2.09 -7.20 2.46
C TRP A 72 -2.48 -7.17 0.98
N ARG A 73 -1.97 -8.12 0.24
CA ARG A 73 -2.28 -8.19 -1.19
C ARG A 73 -3.15 -9.41 -1.48
N LYS A 74 -4.02 -9.27 -2.43
CA LYS A 74 -4.92 -10.40 -2.78
C LYS A 74 -4.13 -11.71 -2.83
N LYS A 75 -4.82 -12.81 -2.61
CA LYS A 75 -4.12 -14.12 -2.64
C LYS A 75 -3.45 -14.35 -4.00
N MET A 4 -10.76 -0.55 15.30
CA MET A 4 -11.64 0.60 15.57
C MET A 4 -10.80 1.84 15.90
N ALA A 5 -11.31 2.66 16.76
CA ALA A 5 -10.55 3.88 17.14
C ALA A 5 -9.18 3.52 17.69
N LYS A 6 -9.07 2.34 18.25
CA LYS A 6 -7.77 1.91 18.81
C LYS A 6 -6.62 2.29 17.88
N LYS A 7 -6.87 2.23 16.60
CA LYS A 7 -5.81 2.58 15.63
C LYS A 7 -6.42 3.18 14.35
N ASP A 8 -7.28 4.14 14.53
CA ASP A 8 -7.93 4.79 13.37
C ASP A 8 -6.94 4.99 12.22
N VAL A 9 -7.43 4.76 11.04
CA VAL A 9 -6.57 4.92 9.83
C VAL A 9 -7.41 4.76 8.57
N ILE A 10 -6.88 5.18 7.45
CA ILE A 10 -7.66 5.04 6.18
C ILE A 10 -7.25 3.80 5.41
N GLU A 11 -8.05 2.77 5.53
CA GLU A 11 -7.72 1.52 4.81
C GLU A 11 -8.44 1.48 3.47
N LEU A 12 -7.70 1.64 2.40
CA LEU A 12 -8.34 1.63 1.06
C LEU A 12 -7.57 0.73 0.11
N GLU A 13 -8.28 0.15 -0.81
CA GLU A 13 -7.62 -0.75 -1.77
C GLU A 13 -7.10 0.04 -2.96
N GLY A 14 -5.96 -0.36 -3.47
CA GLY A 14 -5.40 0.36 -4.63
C GLY A 14 -4.60 -0.60 -5.49
N THR A 15 -4.05 -0.09 -6.55
CA THR A 15 -3.25 -0.96 -7.46
C THR A 15 -1.86 -0.40 -7.63
N VAL A 16 -0.89 -1.25 -7.46
CA VAL A 16 0.51 -0.76 -7.62
C VAL A 16 0.73 -0.21 -9.01
N SER A 17 1.06 1.05 -9.08
CA SER A 17 1.29 1.66 -10.39
C SER A 17 2.74 1.51 -10.83
N GLU A 18 3.65 1.50 -9.88
CA GLU A 18 5.08 1.35 -10.25
C GLU A 18 5.88 0.68 -9.15
N ALA A 19 6.98 0.07 -9.53
CA ALA A 19 7.84 -0.62 -8.54
C ALA A 19 9.12 0.16 -8.30
N LEU A 20 9.21 0.78 -7.16
CA LEU A 20 10.43 1.57 -6.84
C LEU A 20 11.38 0.78 -5.93
N PRO A 21 12.68 0.95 -6.13
CA PRO A 21 13.67 0.25 -5.33
C PRO A 21 13.54 0.63 -3.85
N ASN A 22 14.20 -0.14 -3.02
CA ASN A 22 14.14 0.14 -1.55
C ASN A 22 12.81 -0.33 -0.95
N ALA A 23 12.24 -1.36 -1.52
CA ALA A 23 10.95 -1.87 -0.98
C ALA A 23 9.88 -0.78 -0.95
N MET A 24 9.60 -0.22 -2.10
CA MET A 24 8.59 0.84 -2.16
C MET A 24 7.96 0.87 -3.55
N PHE A 25 6.81 1.44 -3.65
CA PHE A 25 6.15 1.50 -4.95
C PHE A 25 5.09 2.60 -5.00
N LYS A 26 4.66 2.94 -6.19
CA LYS A 26 3.63 3.99 -6.35
C LYS A 26 2.28 3.36 -6.64
N VAL A 27 1.36 3.50 -5.73
CA VAL A 27 0.03 2.90 -5.93
C VAL A 27 -0.96 3.92 -6.44
N LYS A 28 -1.86 3.45 -7.26
CA LYS A 28 -2.90 4.36 -7.83
C LYS A 28 -4.27 3.83 -7.51
N LEU A 29 -5.00 4.57 -6.72
CA LEU A 29 -6.35 4.14 -6.36
C LEU A 29 -7.29 4.20 -7.53
N GLU A 30 -8.23 3.31 -7.56
CA GLU A 30 -9.19 3.30 -8.67
C GLU A 30 -9.77 4.69 -8.88
N ASN A 31 -9.50 5.56 -7.93
CA ASN A 31 -10.01 6.95 -8.02
C ASN A 31 -9.14 7.77 -8.98
N GLY A 32 -7.95 7.27 -9.25
CA GLY A 32 -7.04 8.02 -10.17
C GLY A 32 -5.90 8.74 -9.42
N HIS A 33 -5.90 8.67 -8.10
CA HIS A 33 -4.82 9.36 -7.34
C HIS A 33 -3.66 8.44 -7.03
N GLU A 34 -2.46 8.95 -7.20
CA GLU A 34 -1.27 8.14 -6.91
C GLU A 34 -0.82 8.32 -5.47
N ILE A 35 -0.39 7.25 -4.85
CA ILE A 35 0.06 7.35 -3.44
C ILE A 35 1.32 6.55 -3.21
N LEU A 36 2.18 7.06 -2.36
CA LEU A 36 3.43 6.34 -2.08
C LEU A 36 3.18 5.33 -0.98
N CYS A 37 3.67 4.13 -1.16
CA CYS A 37 3.45 3.11 -0.11
C CYS A 37 4.68 2.27 0.11
N HIS A 38 4.82 1.78 1.31
CA HIS A 38 6.01 0.94 1.64
C HIS A 38 5.57 -0.48 1.98
N ILE A 39 6.50 -1.40 1.92
CA ILE A 39 6.16 -2.80 2.24
C ILE A 39 6.41 -3.11 3.70
N SER A 40 5.58 -3.96 4.24
CA SER A 40 5.74 -4.34 5.65
C SER A 40 6.61 -5.59 5.80
N GLY A 41 6.78 -6.02 7.01
CA GLY A 41 7.62 -7.24 7.25
C GLY A 41 6.81 -8.51 6.96
N LYS A 42 5.53 -8.37 6.75
CA LYS A 42 4.71 -9.55 6.48
C LYS A 42 4.96 -10.05 5.06
N LEU A 43 4.63 -9.22 4.11
CA LEU A 43 4.85 -9.65 2.71
C LEU A 43 6.27 -10.08 2.54
N ARG A 44 7.09 -9.64 3.44
CA ARG A 44 8.52 -10.01 3.36
C ARG A 44 8.68 -11.46 3.77
N MET A 45 7.94 -11.84 4.77
CA MET A 45 8.02 -13.23 5.25
C MET A 45 7.45 -14.18 4.21
N ASN A 46 6.52 -13.69 3.43
CA ASN A 46 5.92 -14.57 2.39
C ASN A 46 6.86 -14.71 1.20
N PHE A 47 7.82 -13.82 1.12
CA PHE A 47 8.77 -13.89 -0.01
C PHE A 47 8.03 -14.06 -1.33
N ILE A 48 7.54 -12.96 -1.85
CA ILE A 48 6.80 -13.03 -3.13
C ILE A 48 7.05 -11.78 -3.96
N ARG A 49 7.72 -11.95 -5.07
CA ARG A 49 8.00 -10.78 -5.94
C ARG A 49 6.70 -10.13 -6.40
N ILE A 50 6.59 -8.86 -6.16
CA ILE A 50 5.36 -8.14 -6.58
C ILE A 50 5.55 -7.49 -7.95
N LEU A 51 4.49 -7.40 -8.70
CA LEU A 51 4.58 -6.78 -10.05
C LEU A 51 3.58 -5.64 -10.21
N GLU A 52 4.03 -4.56 -10.76
CA GLU A 52 3.14 -3.41 -10.95
C GLU A 52 1.81 -3.85 -11.56
N GLY A 53 0.79 -3.11 -11.27
CA GLY A 53 -0.54 -3.47 -11.83
C GLY A 53 -1.28 -4.36 -10.85
N ASP A 54 -0.55 -4.91 -9.91
CA ASP A 54 -1.19 -5.79 -8.92
C ASP A 54 -2.04 -4.99 -7.95
N LYS A 55 -2.93 -5.65 -7.26
CA LYS A 55 -3.80 -4.95 -6.30
C LYS A 55 -3.37 -5.20 -4.89
N VAL A 56 -3.46 -4.18 -4.10
CA VAL A 56 -3.05 -4.32 -2.70
C VAL A 56 -3.86 -3.42 -1.80
N ASN A 57 -3.85 -3.69 -0.52
CA ASN A 57 -4.61 -2.85 0.41
C ASN A 57 -3.69 -1.76 0.93
N VAL A 58 -4.09 -0.54 0.75
CA VAL A 58 -3.25 0.57 1.22
C VAL A 58 -3.77 1.19 2.49
N GLU A 59 -2.86 1.57 3.33
CA GLU A 59 -3.22 2.18 4.61
C GLU A 59 -2.57 3.55 4.72
N LEU A 60 -3.35 4.58 4.62
CA LEU A 60 -2.76 5.94 4.72
C LEU A 60 -2.63 6.33 6.18
N SER A 61 -1.48 6.83 6.55
CA SER A 61 -1.28 7.22 7.97
C SER A 61 -1.65 8.70 8.22
N PRO A 62 -2.30 8.97 9.35
CA PRO A 62 -2.70 10.34 9.69
C PRO A 62 -1.48 11.24 9.92
N TYR A 63 -0.32 10.65 9.86
CA TYR A 63 0.90 11.42 10.06
C TYR A 63 1.36 11.95 8.73
N ASP A 64 0.94 11.28 7.70
CA ASP A 64 1.32 11.70 6.36
C ASP A 64 0.24 11.31 5.36
N LEU A 65 -0.70 12.17 5.17
CA LEU A 65 -1.79 11.87 4.21
C LEU A 65 -1.26 11.87 2.79
N THR A 66 0.01 11.67 2.68
CA THR A 66 0.65 11.65 1.34
C THR A 66 1.30 10.29 1.09
N ARG A 67 1.33 9.47 2.13
CA ARG A 67 1.95 8.13 1.97
C ARG A 67 1.19 7.09 2.78
N GLY A 68 1.23 5.87 2.30
CA GLY A 68 0.52 4.77 3.00
C GLY A 68 1.42 3.53 3.04
N ARG A 69 0.81 2.38 3.11
CA ARG A 69 1.65 1.15 3.16
C ARG A 69 0.83 -0.12 2.90
N ILE A 70 1.45 -1.06 2.21
CA ILE A 70 0.74 -2.33 1.90
C ILE A 70 1.02 -3.37 2.98
N THR A 71 -0.01 -3.84 3.60
CA THR A 71 0.16 -4.86 4.66
C THR A 71 -0.67 -6.09 4.35
N TRP A 72 -1.24 -6.10 3.17
CA TRP A 72 -2.06 -7.25 2.78
C TRP A 72 -2.37 -7.21 1.28
N ARG A 73 -1.81 -8.12 0.55
CA ARG A 73 -2.06 -8.15 -0.89
C ARG A 73 -3.44 -8.68 -1.20
N LYS A 74 -3.91 -8.44 -2.40
CA LYS A 74 -5.26 -8.92 -2.78
C LYS A 74 -5.51 -10.33 -2.25
N LYS A 75 -6.66 -10.52 -1.66
CA LYS A 75 -6.98 -11.87 -1.11
C LYS A 75 -7.38 -12.83 -2.23
N MET A 4 -9.91 0.86 14.68
CA MET A 4 -9.58 -0.53 15.09
C MET A 4 -8.85 -0.53 16.41
N ALA A 5 -7.93 -1.45 16.57
CA ALA A 5 -7.16 -1.52 17.83
C ALA A 5 -6.06 -0.46 17.87
N LYS A 6 -6.27 0.56 18.64
CA LYS A 6 -5.26 1.64 18.74
C LYS A 6 -4.89 2.21 17.37
N LYS A 7 -3.85 1.68 16.78
CA LYS A 7 -3.45 2.20 15.43
C LYS A 7 -4.66 2.35 14.53
N ASP A 8 -5.18 3.56 14.47
CA ASP A 8 -6.36 3.80 13.62
C ASP A 8 -5.94 4.43 12.28
N VAL A 9 -5.69 3.58 11.31
CA VAL A 9 -5.27 4.08 9.97
C VAL A 9 -6.41 3.95 8.96
N ILE A 10 -6.27 4.64 7.86
CA ILE A 10 -7.34 4.56 6.83
C ILE A 10 -6.99 3.51 5.78
N GLU A 11 -7.61 2.37 5.88
CA GLU A 11 -7.33 1.29 4.90
C GLU A 11 -8.08 1.52 3.60
N LEU A 12 -7.34 1.71 2.53
CA LEU A 12 -7.98 1.94 1.20
C LEU A 12 -7.39 1.00 0.17
N GLU A 13 -8.17 0.65 -0.81
CA GLU A 13 -7.66 -0.26 -1.86
C GLU A 13 -6.98 0.50 -2.99
N GLY A 14 -5.92 -0.06 -3.50
CA GLY A 14 -5.20 0.63 -4.60
C GLY A 14 -4.47 -0.39 -5.47
N THR A 15 -4.04 0.05 -6.63
CA THR A 15 -3.32 -0.87 -7.54
C THR A 15 -1.88 -0.43 -7.71
N VAL A 16 -0.97 -1.33 -7.45
CA VAL A 16 0.46 -0.95 -7.60
C VAL A 16 0.77 -0.55 -9.02
N SER A 17 1.05 0.70 -9.20
CA SER A 17 1.36 1.18 -10.57
C SER A 17 2.85 1.10 -10.88
N GLU A 18 3.68 1.28 -9.89
CA GLU A 18 5.14 1.20 -10.17
C GLU A 18 5.92 0.76 -8.95
N ALA A 19 6.88 -0.11 -9.15
CA ALA A 19 7.69 -0.60 -8.02
C ALA A 19 9.02 0.15 -7.92
N LEU A 20 9.20 0.85 -6.82
CA LEU A 20 10.47 1.61 -6.63
C LEU A 20 11.33 0.91 -5.58
N PRO A 21 12.64 1.15 -5.64
CA PRO A 21 13.57 0.53 -4.69
C PRO A 21 13.20 0.86 -3.24
N ASN A 22 14.14 0.61 -2.38
CA ASN A 22 13.91 0.89 -0.94
C ASN A 22 12.55 0.35 -0.46
N ALA A 23 12.12 -0.73 -1.05
CA ALA A 23 10.81 -1.33 -0.64
C ALA A 23 9.68 -0.30 -0.66
N MET A 24 9.47 0.30 -1.79
CA MET A 24 8.41 1.31 -1.90
C MET A 24 7.85 1.32 -3.31
N PHE A 25 6.55 1.40 -3.42
CA PHE A 25 5.92 1.42 -4.77
C PHE A 25 4.93 2.56 -4.90
N LYS A 26 4.61 2.85 -6.13
CA LYS A 26 3.64 3.94 -6.40
C LYS A 26 2.31 3.31 -6.76
N VAL A 27 1.36 3.42 -5.88
CA VAL A 27 0.04 2.83 -6.15
C VAL A 27 -0.91 3.83 -6.74
N LYS A 28 -1.84 3.33 -7.50
CA LYS A 28 -2.87 4.21 -8.14
C LYS A 28 -4.26 3.80 -7.69
N LEU A 29 -4.89 4.64 -6.92
CA LEU A 29 -6.24 4.32 -6.43
C LEU A 29 -7.24 4.27 -7.58
N GLU A 30 -8.46 3.98 -7.25
CA GLU A 30 -9.51 3.90 -8.30
C GLU A 30 -9.96 5.30 -8.70
N ASN A 31 -9.76 6.24 -7.83
CA ASN A 31 -10.18 7.63 -8.15
C ASN A 31 -9.33 8.18 -9.28
N GLY A 32 -8.23 7.52 -9.55
CA GLY A 32 -7.33 7.99 -10.64
C GLY A 32 -6.04 8.60 -10.09
N HIS A 33 -5.99 8.77 -8.78
CA HIS A 33 -4.76 9.36 -8.18
C HIS A 33 -3.84 8.26 -7.67
N GLU A 34 -2.69 8.67 -7.18
CA GLU A 34 -1.74 7.66 -6.67
C GLU A 34 -1.09 8.09 -5.38
N ILE A 35 -0.56 7.13 -4.67
CA ILE A 35 0.10 7.45 -3.39
C ILE A 35 1.32 6.58 -3.16
N LEU A 36 2.17 7.00 -2.28
CA LEU A 36 3.38 6.21 -2.01
C LEU A 36 3.08 5.15 -0.96
N CYS A 37 3.45 3.93 -1.23
CA CYS A 37 3.18 2.85 -0.25
C CYS A 37 4.41 1.99 -0.02
N HIS A 38 4.66 1.71 1.23
CA HIS A 38 5.85 0.88 1.58
C HIS A 38 5.41 -0.55 1.90
N ILE A 39 6.38 -1.40 2.10
CA ILE A 39 6.04 -2.81 2.42
C ILE A 39 5.94 -3.05 3.92
N SER A 40 5.37 -4.18 4.28
CA SER A 40 5.21 -4.53 5.70
C SER A 40 5.77 -5.93 5.95
N GLY A 41 6.06 -6.22 7.19
CA GLY A 41 6.61 -7.57 7.52
C GLY A 41 5.51 -8.62 7.61
N LYS A 42 4.29 -8.19 7.81
CA LYS A 42 3.17 -9.16 7.91
C LYS A 42 2.92 -9.84 6.59
N LEU A 43 2.56 -9.09 5.61
CA LEU A 43 2.30 -9.70 4.30
C LEU A 43 3.49 -10.54 3.88
N ARG A 44 4.62 -10.25 4.48
CA ARG A 44 5.83 -11.00 4.14
C ARG A 44 5.74 -12.42 4.68
N MET A 45 5.27 -12.55 5.90
CA MET A 45 5.16 -13.90 6.48
C MET A 45 4.01 -14.68 5.84
N ASN A 46 3.06 -13.98 5.27
CA ASN A 46 1.93 -14.70 4.64
C ASN A 46 2.40 -15.49 3.42
N PHE A 47 3.69 -15.52 3.22
CA PHE A 47 4.25 -16.26 2.06
C PHE A 47 3.49 -15.90 0.77
N ILE A 48 3.87 -14.80 0.18
CA ILE A 48 3.21 -14.36 -1.07
C ILE A 48 4.24 -13.75 -2.02
N ARG A 49 4.02 -13.93 -3.30
CA ARG A 49 4.98 -13.36 -4.28
C ARG A 49 4.26 -12.72 -5.47
N ILE A 50 3.69 -11.56 -5.24
CA ILE A 50 2.96 -10.86 -6.33
C ILE A 50 3.80 -9.68 -6.83
N LEU A 51 3.66 -9.35 -8.10
CA LEU A 51 4.44 -8.21 -8.67
C LEU A 51 3.57 -7.00 -9.00
N GLU A 52 4.22 -5.89 -9.23
CA GLU A 52 3.49 -4.65 -9.57
C GLU A 52 2.34 -4.92 -10.52
N GLY A 53 1.33 -4.09 -10.47
CA GLY A 53 0.17 -4.29 -11.36
C GLY A 53 -0.94 -5.01 -10.62
N ASP A 54 -0.60 -5.54 -9.47
CA ASP A 54 -1.61 -6.27 -8.68
C ASP A 54 -2.28 -5.33 -7.68
N LYS A 55 -3.50 -5.64 -7.32
CA LYS A 55 -4.21 -4.79 -6.37
C LYS A 55 -3.76 -5.05 -4.96
N VAL A 56 -3.79 -4.00 -4.19
CA VAL A 56 -3.36 -4.14 -2.79
C VAL A 56 -4.09 -3.17 -1.89
N ASN A 57 -4.07 -3.44 -0.60
CA ASN A 57 -4.75 -2.53 0.34
C ASN A 57 -3.74 -1.55 0.89
N VAL A 58 -4.02 -0.29 0.71
CA VAL A 58 -3.08 0.75 1.19
C VAL A 58 -3.58 1.43 2.47
N GLU A 59 -2.73 1.45 3.46
CA GLU A 59 -3.10 2.11 4.73
C GLU A 59 -2.47 3.48 4.79
N LEU A 60 -3.30 4.49 4.77
CA LEU A 60 -2.75 5.87 4.82
C LEU A 60 -2.58 6.36 6.26
N SER A 61 -1.57 7.17 6.47
CA SER A 61 -1.32 7.69 7.85
C SER A 61 -2.13 9.00 8.10
N PRO A 62 -2.76 9.09 9.27
CA PRO A 62 -3.56 10.29 9.63
C PRO A 62 -2.69 11.54 9.76
N TYR A 63 -1.40 11.36 9.65
CA TYR A 63 -0.49 12.50 9.77
C TYR A 63 -0.04 12.96 8.40
N ASP A 64 -0.14 12.08 7.47
CA ASP A 64 0.26 12.43 6.10
C ASP A 64 -0.46 11.55 5.09
N LEU A 65 -1.58 12.01 4.62
CA LEU A 65 -2.34 11.20 3.64
C LEU A 65 -1.63 11.19 2.31
N THR A 66 -0.37 11.48 2.37
CA THR A 66 0.44 11.49 1.13
C THR A 66 1.25 10.20 1.01
N ARG A 67 1.29 9.48 2.11
CA ARG A 67 2.04 8.19 2.12
C ARG A 67 1.26 7.11 2.86
N GLY A 68 1.41 5.90 2.42
CA GLY A 68 0.70 4.77 3.06
C GLY A 68 1.60 3.53 3.11
N ARG A 69 1.01 2.37 3.26
CA ARG A 69 1.85 1.14 3.31
C ARG A 69 1.06 -0.10 2.86
N ILE A 70 1.76 -0.98 2.18
CA ILE A 70 1.10 -2.23 1.69
C ILE A 70 1.27 -3.37 2.69
N THR A 71 0.17 -3.91 3.14
CA THR A 71 0.22 -5.03 4.12
C THR A 71 -0.58 -6.20 3.61
N TRP A 72 -1.06 -6.09 2.40
CA TRP A 72 -1.87 -7.17 1.81
C TRP A 72 -1.86 -7.07 0.30
N ARG A 73 -2.13 -8.16 -0.35
CA ARG A 73 -2.14 -8.15 -1.80
C ARG A 73 -3.04 -9.25 -2.36
N LYS A 74 -4.30 -8.92 -2.52
CA LYS A 74 -5.25 -9.92 -3.06
C LYS A 74 -6.45 -9.23 -3.71
N LYS A 75 -6.78 -9.65 -4.89
CA LYS A 75 -7.94 -9.02 -5.59
C LYS A 75 -9.25 -9.59 -5.07
N MET A 4 -17.88 3.79 13.55
CA MET A 4 -17.55 4.97 14.38
C MET A 4 -16.08 5.36 14.17
N ALA A 5 -15.33 5.34 15.24
CA ALA A 5 -13.89 5.70 15.12
C ALA A 5 -13.75 7.14 14.62
N LYS A 6 -12.54 7.64 14.67
CA LYS A 6 -12.31 9.03 14.20
C LYS A 6 -10.82 9.31 14.05
N LYS A 7 -10.05 8.25 13.90
CA LYS A 7 -8.60 8.42 13.74
C LYS A 7 -7.96 7.17 13.14
N ASP A 8 -6.70 6.99 13.40
CA ASP A 8 -6.01 5.79 12.86
C ASP A 8 -5.81 5.91 11.36
N VAL A 9 -5.22 4.89 10.78
CA VAL A 9 -4.99 4.91 9.32
C VAL A 9 -6.22 4.49 8.54
N ILE A 10 -6.34 4.99 7.34
CA ILE A 10 -7.52 4.64 6.51
C ILE A 10 -7.19 3.49 5.58
N GLU A 11 -7.70 2.33 5.88
CA GLU A 11 -7.42 1.16 5.02
C GLU A 11 -8.24 1.20 3.74
N LEU A 12 -7.56 1.39 2.62
CA LEU A 12 -8.27 1.45 1.32
C LEU A 12 -7.55 0.59 0.28
N GLU A 13 -8.23 0.31 -0.80
CA GLU A 13 -7.61 -0.52 -1.87
C GLU A 13 -6.86 0.34 -2.89
N GLY A 14 -5.76 -0.17 -3.36
CA GLY A 14 -4.97 0.60 -4.35
C GLY A 14 -4.17 -0.36 -5.21
N THR A 15 -3.95 0.00 -6.46
CA THR A 15 -3.18 -0.90 -7.34
C THR A 15 -1.77 -0.40 -7.56
N VAL A 16 -0.81 -1.27 -7.40
CA VAL A 16 0.59 -0.83 -7.58
C VAL A 16 0.83 -0.38 -9.01
N SER A 17 1.18 0.88 -9.16
CA SER A 17 1.41 1.41 -10.51
C SER A 17 2.90 1.41 -10.85
N GLU A 18 3.73 1.54 -9.85
CA GLU A 18 5.19 1.55 -10.10
C GLU A 18 5.96 0.99 -8.91
N ALA A 19 6.72 -0.05 -9.15
CA ALA A 19 7.51 -0.65 -8.05
C ALA A 19 8.90 -0.03 -7.96
N LEU A 20 9.09 0.80 -6.97
CA LEU A 20 10.42 1.45 -6.83
C LEU A 20 11.31 0.64 -5.86
N PRO A 21 12.61 0.68 -6.10
CA PRO A 21 13.55 -0.05 -5.26
C PRO A 21 13.45 0.40 -3.81
N ASN A 22 14.06 -0.36 -2.94
CA ASN A 22 14.02 0.00 -1.49
C ASN A 22 12.67 -0.33 -0.87
N ALA A 23 12.01 -1.34 -1.39
CA ALA A 23 10.70 -1.74 -0.85
C ALA A 23 9.71 -0.55 -0.81
N MET A 24 9.43 -0.02 -1.97
CA MET A 24 8.49 1.12 -2.05
C MET A 24 7.86 1.16 -3.43
N PHE A 25 6.57 1.39 -3.47
CA PHE A 25 5.88 1.45 -4.79
C PHE A 25 4.90 2.61 -4.89
N LYS A 26 4.51 2.88 -6.11
CA LYS A 26 3.55 3.97 -6.38
C LYS A 26 2.20 3.33 -6.67
N VAL A 27 1.28 3.46 -5.77
CA VAL A 27 -0.05 2.86 -5.98
C VAL A 27 -1.04 3.85 -6.55
N LYS A 28 -1.89 3.36 -7.41
CA LYS A 28 -2.91 4.25 -8.03
C LYS A 28 -4.32 3.90 -7.54
N LEU A 29 -4.99 4.87 -7.04
CA LEU A 29 -6.35 4.64 -6.55
C LEU A 29 -7.37 4.67 -7.68
N GLU A 30 -8.59 4.38 -7.35
CA GLU A 30 -9.64 4.39 -8.38
C GLU A 30 -10.01 5.82 -8.76
N ASN A 31 -9.81 6.73 -7.85
CA ASN A 31 -10.14 8.14 -8.15
C ASN A 31 -9.22 8.69 -9.24
N GLY A 32 -8.13 8.01 -9.48
CA GLY A 32 -7.17 8.47 -10.53
C GLY A 32 -5.88 9.02 -9.91
N HIS A 33 -5.89 9.23 -8.62
CA HIS A 33 -4.66 9.78 -7.98
C HIS A 33 -3.67 8.67 -7.66
N GLU A 34 -2.52 9.06 -7.18
CA GLU A 34 -1.49 8.06 -6.83
C GLU A 34 -0.89 8.34 -5.47
N ILE A 35 -0.43 7.31 -4.80
CA ILE A 35 0.16 7.52 -3.46
C ILE A 35 1.36 6.63 -3.26
N LEU A 36 2.25 7.03 -2.39
CA LEU A 36 3.44 6.21 -2.14
C LEU A 36 3.14 5.20 -1.06
N CYS A 37 3.54 3.97 -1.30
CA CYS A 37 3.29 2.92 -0.29
C CYS A 37 4.54 2.09 -0.03
N HIS A 38 4.77 1.77 1.22
CA HIS A 38 5.97 0.97 1.56
C HIS A 38 5.57 -0.45 1.96
N ILE A 39 6.55 -1.28 2.14
CA ILE A 39 6.26 -2.69 2.52
C ILE A 39 6.42 -2.91 4.03
N SER A 40 5.94 -4.04 4.49
CA SER A 40 6.04 -4.37 5.92
C SER A 40 6.60 -5.78 6.10
N GLY A 41 7.73 -5.87 6.72
CA GLY A 41 8.36 -7.20 6.94
C GLY A 41 7.31 -8.23 7.40
N LYS A 42 6.18 -7.74 7.83
CA LYS A 42 5.14 -8.66 8.29
C LYS A 42 4.50 -9.40 7.14
N LEU A 43 3.89 -8.67 6.24
CA LEU A 43 3.26 -9.34 5.10
C LEU A 43 4.26 -10.24 4.41
N ARG A 44 5.51 -9.96 4.62
CA ARG A 44 6.54 -10.79 3.98
C ARG A 44 6.56 -12.13 4.69
N MET A 45 6.43 -12.09 5.98
CA MET A 45 6.45 -13.34 6.74
C MET A 45 5.25 -14.20 6.35
N ASN A 46 4.19 -13.55 5.91
CA ASN A 46 2.99 -14.32 5.49
C ASN A 46 3.17 -14.91 4.09
N PHE A 47 4.36 -14.76 3.55
CA PHE A 47 4.64 -15.30 2.19
C PHE A 47 3.61 -14.80 1.18
N ILE A 48 3.97 -13.76 0.47
CA ILE A 48 3.04 -13.21 -0.54
C ILE A 48 3.79 -12.77 -1.80
N ARG A 49 3.53 -13.44 -2.88
CA ARG A 49 4.23 -13.09 -4.14
C ARG A 49 3.93 -11.63 -4.53
N ILE A 50 4.94 -10.93 -4.96
CA ILE A 50 4.74 -9.50 -5.35
C ILE A 50 4.70 -9.35 -6.86
N LEU A 51 3.95 -8.38 -7.30
CA LEU A 51 3.85 -8.13 -8.75
C LEU A 51 3.28 -6.76 -9.03
N GLU A 52 3.87 -6.06 -9.95
CA GLU A 52 3.37 -4.71 -10.27
C GLU A 52 1.96 -4.79 -10.83
N GLY A 53 1.20 -3.76 -10.63
CA GLY A 53 -0.19 -3.79 -11.15
C GLY A 53 -1.06 -4.65 -10.24
N ASP A 54 -0.43 -5.33 -9.31
CA ASP A 54 -1.20 -6.19 -8.39
C ASP A 54 -1.97 -5.33 -7.41
N LYS A 55 -3.21 -5.64 -7.23
CA LYS A 55 -4.01 -4.86 -6.30
C LYS A 55 -3.70 -5.21 -4.88
N VAL A 56 -3.69 -4.20 -4.07
CA VAL A 56 -3.38 -4.41 -2.65
C VAL A 56 -4.11 -3.43 -1.76
N ASN A 57 -4.09 -3.68 -0.47
CA ASN A 57 -4.76 -2.76 0.45
C ASN A 57 -3.78 -1.71 0.92
N VAL A 58 -4.08 -0.47 0.65
CA VAL A 58 -3.16 0.62 1.05
C VAL A 58 -3.67 1.39 2.25
N GLU A 59 -2.93 1.33 3.31
CA GLU A 59 -3.33 2.04 4.54
C GLU A 59 -2.65 3.41 4.55
N LEU A 60 -3.44 4.44 4.58
CA LEU A 60 -2.85 5.80 4.59
C LEU A 60 -2.69 6.32 6.02
N SER A 61 -1.81 7.30 6.17
CA SER A 61 -1.59 7.86 7.54
C SER A 61 -2.47 9.12 7.79
N PRO A 62 -3.00 9.24 9.02
CA PRO A 62 -3.85 10.38 9.38
C PRO A 62 -3.04 11.69 9.47
N TYR A 63 -1.76 11.57 9.65
CA TYR A 63 -0.93 12.77 9.74
C TYR A 63 -0.49 13.17 8.37
N ASP A 64 -0.41 12.19 7.52
CA ASP A 64 0.01 12.48 6.15
C ASP A 64 -0.68 11.52 5.17
N LEU A 65 -1.84 11.92 4.72
CA LEU A 65 -2.59 11.06 3.78
C LEU A 65 -1.92 11.07 2.43
N THR A 66 -0.67 11.42 2.44
CA THR A 66 0.10 11.47 1.18
C THR A 66 0.92 10.20 1.03
N ARG A 67 1.02 9.45 2.10
CA ARG A 67 1.81 8.19 2.05
C ARG A 67 1.07 7.08 2.78
N GLY A 68 1.31 5.88 2.34
CA GLY A 68 0.65 4.72 3.00
C GLY A 68 1.59 3.51 2.96
N ARG A 69 1.02 2.34 2.98
CA ARG A 69 1.89 1.13 2.94
C ARG A 69 1.09 -0.13 2.61
N ILE A 70 1.73 -1.04 1.93
CA ILE A 70 1.05 -2.31 1.55
C ILE A 70 1.30 -3.39 2.58
N THR A 71 0.24 -3.83 3.21
CA THR A 71 0.38 -4.91 4.24
C THR A 71 -0.57 -6.06 3.96
N TRP A 72 -1.21 -6.03 2.82
CA TRP A 72 -2.15 -7.13 2.50
C TRP A 72 -2.63 -7.08 1.04
N ARG A 73 -2.49 -8.18 0.35
CA ARG A 73 -2.94 -8.21 -1.04
C ARG A 73 -4.47 -8.20 -1.12
N LYS A 74 -4.99 -7.87 -2.28
CA LYS A 74 -6.46 -7.84 -2.44
C LYS A 74 -7.11 -9.06 -1.78
N LYS A 75 -8.17 -8.82 -1.06
CA LYS A 75 -8.87 -9.95 -0.39
C LYS A 75 -9.84 -10.64 -1.35
N MET A 4 -17.64 4.92 8.66
CA MET A 4 -17.41 4.19 7.39
C MET A 4 -15.95 3.75 7.29
N ALA A 5 -15.06 4.65 7.59
CA ALA A 5 -13.62 4.29 7.53
C ALA A 5 -12.76 5.39 8.14
N LYS A 6 -12.64 5.36 9.44
CA LYS A 6 -11.82 6.40 10.11
C LYS A 6 -11.52 5.99 11.56
N LYS A 7 -10.38 5.38 11.76
CA LYS A 7 -10.03 4.96 13.14
C LYS A 7 -8.52 5.01 13.35
N ASP A 8 -8.01 4.03 14.05
CA ASP A 8 -6.54 3.99 14.29
C ASP A 8 -5.76 4.21 13.02
N VAL A 9 -6.44 4.17 11.93
CA VAL A 9 -5.77 4.37 10.62
C VAL A 9 -6.79 4.37 9.48
N ILE A 10 -6.32 4.61 8.27
CA ILE A 10 -7.24 4.63 7.10
C ILE A 10 -6.87 3.51 6.14
N GLU A 11 -7.72 2.52 6.06
CA GLU A 11 -7.45 1.39 5.14
C GLU A 11 -8.26 1.53 3.85
N LEU A 12 -7.57 1.46 2.74
CA LEU A 12 -8.29 1.58 1.43
C LEU A 12 -7.63 0.68 0.39
N GLU A 13 -8.38 0.38 -0.65
CA GLU A 13 -7.83 -0.48 -1.72
C GLU A 13 -7.08 0.34 -2.75
N GLY A 14 -6.01 -0.21 -3.29
CA GLY A 14 -5.24 0.54 -4.30
C GLY A 14 -4.57 -0.43 -5.26
N THR A 15 -4.05 0.09 -6.34
CA THR A 15 -3.36 -0.79 -7.33
C THR A 15 -1.94 -0.33 -7.57
N VAL A 16 -1.02 -1.25 -7.49
CA VAL A 16 0.40 -0.86 -7.72
C VAL A 16 0.62 -0.48 -9.17
N SER A 17 1.29 0.63 -9.36
CA SER A 17 1.58 1.11 -10.73
C SER A 17 3.05 1.06 -11.08
N GLU A 18 3.91 1.17 -10.08
CA GLU A 18 5.36 1.14 -10.40
C GLU A 18 6.20 0.61 -9.24
N ALA A 19 7.38 0.14 -9.56
CA ALA A 19 8.27 -0.40 -8.50
C ALA A 19 9.32 0.64 -8.12
N LEU A 20 9.23 1.12 -6.90
CA LEU A 20 10.22 2.13 -6.43
C LEU A 20 11.26 1.51 -5.48
N PRO A 21 12.47 2.02 -5.52
CA PRO A 21 13.54 1.51 -4.67
C PRO A 21 13.25 1.76 -3.19
N ASN A 22 14.04 1.17 -2.35
CA ASN A 22 13.85 1.35 -0.88
C ASN A 22 12.66 0.54 -0.36
N ALA A 23 12.37 -0.55 -1.00
CA ALA A 23 11.22 -1.39 -0.55
C ALA A 23 9.89 -0.62 -0.54
N MET A 24 9.49 -0.17 -1.70
CA MET A 24 8.23 0.58 -1.79
C MET A 24 7.81 0.67 -3.25
N PHE A 25 6.64 1.12 -3.48
CA PHE A 25 6.19 1.23 -4.88
C PHE A 25 5.12 2.28 -5.05
N LYS A 26 4.88 2.63 -6.28
CA LYS A 26 3.86 3.64 -6.58
C LYS A 26 2.51 2.97 -6.76
N VAL A 27 1.50 3.51 -6.12
CA VAL A 27 0.15 2.91 -6.24
C VAL A 27 -0.85 3.96 -6.68
N LYS A 28 -1.78 3.55 -7.50
CA LYS A 28 -2.82 4.48 -8.00
C LYS A 28 -4.21 3.97 -7.65
N LEU A 29 -4.96 4.78 -6.98
CA LEU A 29 -6.32 4.34 -6.60
C LEU A 29 -7.25 4.34 -7.80
N GLU A 30 -8.43 3.83 -7.60
CA GLU A 30 -9.40 3.78 -8.72
C GLU A 30 -9.55 5.15 -9.37
N ASN A 31 -9.61 6.17 -8.56
CA ASN A 31 -9.74 7.52 -9.11
C ASN A 31 -8.46 7.97 -9.78
N GLY A 32 -7.40 7.24 -9.50
CA GLY A 32 -6.09 7.59 -10.10
C GLY A 32 -5.18 8.28 -9.09
N HIS A 33 -5.67 8.47 -7.89
CA HIS A 33 -4.82 9.13 -6.86
C HIS A 33 -3.50 8.41 -6.69
N GLU A 34 -2.46 8.98 -7.22
CA GLU A 34 -1.14 8.35 -7.09
C GLU A 34 -0.57 8.56 -5.68
N ILE A 35 -0.24 7.46 -5.03
CA ILE A 35 0.32 7.58 -3.66
C ILE A 35 1.49 6.65 -3.45
N LEU A 36 2.37 7.02 -2.57
CA LEU A 36 3.53 6.17 -2.31
C LEU A 36 3.21 5.19 -1.20
N CYS A 37 3.54 3.95 -1.42
CA CYS A 37 3.24 2.94 -0.37
C CYS A 37 4.46 2.07 -0.12
N HIS A 38 4.75 1.85 1.15
CA HIS A 38 5.93 1.00 1.49
C HIS A 38 5.49 -0.39 1.93
N ILE A 39 6.46 -1.24 2.19
CA ILE A 39 6.13 -2.62 2.62
C ILE A 39 6.25 -2.78 4.13
N SER A 40 5.62 -3.82 4.63
CA SER A 40 5.67 -4.08 6.08
C SER A 40 6.26 -5.47 6.35
N GLY A 41 6.15 -5.91 7.57
CA GLY A 41 6.70 -7.25 7.92
C GLY A 41 5.74 -8.38 7.51
N LYS A 42 4.58 -8.01 7.04
CA LYS A 42 3.60 -9.05 6.63
C LYS A 42 4.02 -9.74 5.36
N LEU A 43 4.09 -9.01 4.29
CA LEU A 43 4.50 -9.63 3.02
C LEU A 43 5.81 -10.31 3.21
N ARG A 44 6.50 -9.87 4.22
CA ARG A 44 7.80 -10.45 4.52
C ARG A 44 7.61 -11.84 5.11
N MET A 45 6.57 -11.98 5.87
CA MET A 45 6.29 -13.29 6.49
C MET A 45 5.75 -14.27 5.47
N ASN A 46 5.03 -13.77 4.49
CA ASN A 46 4.47 -14.66 3.45
C ASN A 46 5.41 -14.74 2.24
N PHE A 47 6.51 -14.04 2.33
CA PHE A 47 7.51 -14.03 1.22
C PHE A 47 6.84 -14.21 -0.14
N ILE A 48 6.17 -13.18 -0.59
CA ILE A 48 5.48 -13.26 -1.91
C ILE A 48 6.28 -12.51 -2.98
N ARG A 49 5.93 -12.73 -4.21
CA ARG A 49 6.66 -12.04 -5.31
C ARG A 49 5.69 -11.69 -6.45
N ILE A 50 4.96 -10.62 -6.25
CA ILE A 50 3.99 -10.18 -7.30
C ILE A 50 4.52 -8.97 -8.05
N LEU A 51 4.13 -8.85 -9.30
CA LEU A 51 4.62 -7.70 -10.12
C LEU A 51 3.59 -6.57 -10.18
N GLU A 52 4.09 -5.38 -10.44
CA GLU A 52 3.21 -4.20 -10.54
C GLU A 52 1.92 -4.52 -11.29
N GLY A 53 0.89 -3.77 -10.99
CA GLY A 53 -0.41 -4.00 -11.66
C GLY A 53 -1.32 -4.85 -10.77
N ASP A 54 -0.77 -5.28 -9.66
CA ASP A 54 -1.57 -6.11 -8.74
C ASP A 54 -2.29 -5.23 -7.72
N LYS A 55 -3.49 -5.59 -7.38
CA LYS A 55 -4.24 -4.79 -6.40
C LYS A 55 -3.83 -5.14 -4.99
N VAL A 56 -3.84 -4.13 -4.17
CA VAL A 56 -3.47 -4.35 -2.77
C VAL A 56 -4.21 -3.41 -1.84
N ASN A 57 -4.16 -3.69 -0.56
CA ASN A 57 -4.86 -2.81 0.39
C ASN A 57 -3.87 -1.77 0.87
N VAL A 58 -4.22 -0.52 0.70
CA VAL A 58 -3.31 0.57 1.13
C VAL A 58 -3.76 1.24 2.41
N GLU A 59 -2.86 1.27 3.35
CA GLU A 59 -3.18 1.91 4.65
C GLU A 59 -2.61 3.32 4.66
N LEU A 60 -3.47 4.29 4.70
CA LEU A 60 -2.98 5.69 4.71
C LEU A 60 -2.80 6.19 6.13
N SER A 61 -1.80 7.01 6.33
CA SER A 61 -1.55 7.54 7.69
C SER A 61 -2.39 8.82 7.95
N PRO A 62 -3.14 8.85 9.05
CA PRO A 62 -3.97 10.02 9.38
C PRO A 62 -3.11 11.27 9.56
N TYR A 63 -1.82 11.10 9.44
CA TYR A 63 -0.89 12.24 9.60
C TYR A 63 -0.31 12.61 8.26
N ASP A 64 -0.42 11.71 7.33
CA ASP A 64 0.12 11.98 5.98
C ASP A 64 -0.77 11.34 4.93
N LEU A 65 -1.81 12.04 4.56
CA LEU A 65 -2.73 11.48 3.53
C LEU A 65 -2.07 11.50 2.17
N THR A 66 -0.77 11.52 2.18
CA THR A 66 0.01 11.54 0.91
C THR A 66 0.84 10.28 0.78
N ARG A 67 0.83 9.47 1.81
CA ARG A 67 1.62 8.22 1.76
C ARG A 67 0.94 7.13 2.59
N GLY A 68 1.05 5.92 2.12
CA GLY A 68 0.43 4.78 2.85
C GLY A 68 1.38 3.57 2.85
N ARG A 69 0.83 2.40 2.89
CA ARG A 69 1.70 1.20 2.90
C ARG A 69 0.93 -0.08 2.61
N ILE A 70 1.54 -0.96 1.85
CA ILE A 70 0.87 -2.24 1.51
C ILE A 70 1.14 -3.26 2.58
N THR A 71 0.09 -3.71 3.23
CA THR A 71 0.25 -4.72 4.30
C THR A 71 -0.63 -5.93 4.02
N TRP A 72 -1.24 -5.94 2.86
CA TRP A 72 -2.12 -7.07 2.52
C TRP A 72 -2.53 -7.02 1.06
N ARG A 73 -2.04 -7.95 0.28
CA ARG A 73 -2.39 -7.97 -1.13
C ARG A 73 -3.85 -8.35 -1.32
N LYS A 74 -4.40 -8.04 -2.47
CA LYS A 74 -5.81 -8.38 -2.73
C LYS A 74 -5.96 -9.80 -3.27
N LYS A 75 -6.90 -10.53 -2.72
CA LYS A 75 -7.09 -11.93 -3.20
C LYS A 75 -8.15 -11.98 -4.29
N MET A 4 -6.51 16.32 16.00
CA MET A 4 -6.99 17.06 17.19
C MET A 4 -6.97 16.17 18.42
N ALA A 5 -8.07 15.52 18.67
CA ALA A 5 -8.14 14.61 19.86
C ALA A 5 -8.01 13.15 19.44
N LYS A 6 -8.22 12.89 18.18
CA LYS A 6 -8.11 11.49 17.71
C LYS A 6 -8.07 11.44 16.18
N LYS A 7 -7.27 10.54 15.66
CA LYS A 7 -7.18 10.43 14.17
C LYS A 7 -6.75 9.02 13.76
N ASP A 8 -7.66 8.30 13.15
CA ASP A 8 -7.32 6.92 12.72
C ASP A 8 -6.87 6.90 11.26
N VAL A 9 -6.41 5.75 10.82
CA VAL A 9 -5.95 5.63 9.41
C VAL A 9 -7.11 5.41 8.46
N ILE A 10 -6.80 5.29 7.19
CA ILE A 10 -7.87 5.07 6.19
C ILE A 10 -7.56 3.86 5.32
N GLU A 11 -8.23 2.77 5.61
CA GLU A 11 -8.00 1.54 4.83
C GLU A 11 -8.59 1.68 3.43
N LEU A 12 -7.73 1.66 2.44
CA LEU A 12 -8.23 1.79 1.05
C LEU A 12 -7.45 0.91 0.10
N GLU A 13 -8.13 0.35 -0.86
CA GLU A 13 -7.43 -0.53 -1.82
C GLU A 13 -6.85 0.28 -2.96
N GLY A 14 -5.68 -0.10 -3.39
CA GLY A 14 -5.05 0.65 -4.51
C GLY A 14 -4.28 -0.30 -5.41
N THR A 15 -4.21 0.04 -6.66
CA THR A 15 -3.48 -0.85 -7.60
C THR A 15 -2.05 -0.40 -7.75
N VAL A 16 -1.15 -1.32 -7.60
CA VAL A 16 0.28 -0.95 -7.72
C VAL A 16 0.54 -0.38 -9.10
N SER A 17 1.13 0.78 -9.12
CA SER A 17 1.44 1.43 -10.41
C SER A 17 2.90 1.23 -10.82
N GLU A 18 3.78 1.17 -9.85
CA GLU A 18 5.21 0.99 -10.22
C GLU A 18 6.03 0.46 -9.04
N ALA A 19 7.15 -0.15 -9.33
CA ALA A 19 8.02 -0.70 -8.26
C ALA A 19 9.17 0.26 -7.95
N LEU A 20 9.21 0.74 -6.72
CA LEU A 20 10.29 1.68 -6.33
C LEU A 20 11.33 0.99 -5.42
N PRO A 21 12.58 1.42 -5.53
CA PRO A 21 13.67 0.84 -4.72
C PRO A 21 13.43 1.07 -3.22
N ASN A 22 14.26 0.44 -2.44
CA ASN A 22 14.13 0.57 -0.95
C ASN A 22 12.84 -0.07 -0.44
N ALA A 23 12.38 -1.08 -1.13
CA ALA A 23 11.13 -1.75 -0.68
C ALA A 23 9.96 -0.77 -0.65
N MET A 24 9.65 -0.22 -1.79
CA MET A 24 8.54 0.73 -1.88
C MET A 24 7.96 0.71 -3.27
N PHE A 25 6.80 1.24 -3.41
CA PHE A 25 6.18 1.25 -4.75
C PHE A 25 5.09 2.30 -4.86
N LYS A 26 4.70 2.58 -6.08
CA LYS A 26 3.65 3.59 -6.30
C LYS A 26 2.32 2.87 -6.52
N VAL A 27 1.28 3.39 -5.92
CA VAL A 27 -0.07 2.74 -6.09
C VAL A 27 -1.12 3.75 -6.46
N LYS A 28 -2.05 3.30 -7.27
CA LYS A 28 -3.15 4.22 -7.71
C LYS A 28 -4.48 3.76 -7.12
N LEU A 29 -5.09 4.63 -6.36
CA LEU A 29 -6.38 4.28 -5.75
C LEU A 29 -7.49 4.30 -6.78
N GLU A 30 -8.62 3.79 -6.39
CA GLU A 30 -9.77 3.77 -7.34
C GLU A 30 -10.17 5.18 -7.71
N ASN A 31 -9.95 6.09 -6.80
CA ASN A 31 -10.31 7.50 -7.08
C ASN A 31 -9.50 8.04 -8.25
N GLY A 32 -8.51 7.30 -8.65
CA GLY A 32 -7.67 7.75 -9.79
C GLY A 32 -6.39 8.44 -9.28
N HIS A 33 -6.35 8.71 -8.01
CA HIS A 33 -5.15 9.38 -7.45
C HIS A 33 -4.02 8.39 -7.24
N GLU A 34 -2.84 8.93 -6.99
CA GLU A 34 -1.67 8.06 -6.76
C GLU A 34 -0.96 8.42 -5.46
N ILE A 35 -0.47 7.42 -4.78
CA ILE A 35 0.23 7.67 -3.49
C ILE A 35 1.41 6.72 -3.31
N LEU A 36 2.31 7.09 -2.44
CA LEU A 36 3.49 6.21 -2.19
C LEU A 36 3.19 5.24 -1.07
N CYS A 37 3.67 4.02 -1.21
CA CYS A 37 3.41 3.02 -0.15
C CYS A 37 4.64 2.18 0.13
N HIS A 38 4.86 1.90 1.39
CA HIS A 38 6.05 1.09 1.77
C HIS A 38 5.61 -0.33 2.13
N ILE A 39 6.57 -1.20 2.26
CA ILE A 39 6.23 -2.60 2.61
C ILE A 39 6.26 -2.83 4.11
N SER A 40 5.48 -3.78 4.55
CA SER A 40 5.43 -4.09 5.99
C SER A 40 6.19 -5.38 6.29
N GLY A 41 5.99 -5.90 7.48
CA GLY A 41 6.69 -7.16 7.85
C GLY A 41 5.98 -8.39 7.26
N LYS A 42 4.75 -8.22 6.85
CA LYS A 42 4.01 -9.38 6.28
C LYS A 42 4.55 -9.77 4.92
N LEU A 43 4.44 -8.89 3.97
CA LEU A 43 4.95 -9.21 2.62
C LEU A 43 6.36 -9.67 2.75
N ARG A 44 6.92 -9.29 3.83
CA ARG A 44 8.33 -9.66 4.10
C ARG A 44 8.41 -11.13 4.48
N MET A 45 7.42 -11.58 5.21
CA MET A 45 7.41 -12.99 5.63
C MET A 45 6.68 -13.85 4.61
N ASN A 46 5.84 -13.22 3.82
CA ASN A 46 5.10 -13.97 2.79
C ASN A 46 5.96 -14.17 1.54
N PHE A 47 6.70 -13.16 1.22
CA PHE A 47 7.59 -13.22 0.02
C PHE A 47 6.90 -13.86 -1.19
N ILE A 48 5.76 -13.32 -1.57
CA ILE A 48 5.03 -13.89 -2.73
C ILE A 48 5.35 -13.10 -3.99
N ARG A 49 5.15 -13.70 -5.13
CA ARG A 49 5.45 -12.98 -6.39
C ARG A 49 4.58 -11.74 -6.49
N ILE A 50 5.18 -10.67 -6.92
CA ILE A 50 4.41 -9.40 -7.07
C ILE A 50 4.71 -8.75 -8.41
N LEU A 51 3.69 -8.21 -9.02
CA LEU A 51 3.88 -7.54 -10.33
C LEU A 51 2.98 -6.32 -10.44
N GLU A 52 3.53 -5.24 -10.93
CA GLU A 52 2.73 -4.02 -11.06
C GLU A 52 1.37 -4.33 -11.65
N GLY A 53 0.41 -3.51 -11.31
CA GLY A 53 -0.96 -3.74 -11.84
C GLY A 53 -1.76 -4.59 -10.84
N ASP A 54 -1.05 -5.19 -9.92
CA ASP A 54 -1.75 -6.02 -8.92
C ASP A 54 -2.44 -5.14 -7.88
N LYS A 55 -3.55 -5.60 -7.38
CA LYS A 55 -4.27 -4.80 -6.38
C LYS A 55 -3.80 -5.11 -4.99
N VAL A 56 -3.76 -4.09 -4.19
CA VAL A 56 -3.31 -4.27 -2.81
C VAL A 56 -4.04 -3.34 -1.86
N ASN A 57 -3.87 -3.58 -0.57
CA ASN A 57 -4.55 -2.73 0.43
C ASN A 57 -3.57 -1.66 0.90
N VAL A 58 -3.92 -0.42 0.66
CA VAL A 58 -3.02 0.69 1.08
C VAL A 58 -3.56 1.41 2.29
N GLU A 59 -2.81 1.36 3.35
CA GLU A 59 -3.24 2.05 4.58
C GLU A 59 -2.61 3.42 4.62
N LEU A 60 -3.44 4.43 4.63
CA LEU A 60 -2.91 5.81 4.66
C LEU A 60 -2.69 6.27 6.10
N SER A 61 -1.60 6.96 6.33
CA SER A 61 -1.31 7.46 7.71
C SER A 61 -1.81 8.91 7.90
N PRO A 62 -2.53 9.17 9.00
CA PRO A 62 -3.04 10.51 9.28
C PRO A 62 -1.90 11.48 9.56
N TYR A 63 -0.70 10.97 9.56
CA TYR A 63 0.45 11.82 9.81
C TYR A 63 0.98 12.32 8.50
N ASP A 64 0.67 11.59 7.48
CA ASP A 64 1.12 11.96 6.14
C ASP A 64 0.14 11.49 5.09
N LEU A 65 -0.86 12.29 4.83
CA LEU A 65 -1.86 11.89 3.82
C LEU A 65 -1.24 11.84 2.43
N THR A 66 0.06 11.77 2.42
CA THR A 66 0.79 11.71 1.14
C THR A 66 1.46 10.35 0.97
N ARG A 67 1.44 9.58 2.02
CA ARG A 67 2.08 8.23 1.96
C ARG A 67 1.26 7.18 2.69
N GLY A 68 1.37 5.96 2.23
CA GLY A 68 0.61 4.85 2.87
C GLY A 68 1.51 3.61 2.98
N ARG A 69 0.92 2.45 3.00
CA ARG A 69 1.77 1.23 3.10
C ARG A 69 1.01 -0.04 2.72
N ILE A 70 1.66 -0.87 1.95
CA ILE A 70 1.02 -2.14 1.51
C ILE A 70 1.39 -3.24 2.48
N THR A 71 0.39 -3.87 3.04
CA THR A 71 0.66 -4.97 4.02
C THR A 71 -0.07 -6.23 3.59
N TRP A 72 -0.67 -6.20 2.43
CA TRP A 72 -1.39 -7.39 1.97
C TRP A 72 -1.78 -7.29 0.50
N ARG A 73 -2.16 -8.40 -0.06
CA ARG A 73 -2.56 -8.42 -1.47
C ARG A 73 -3.72 -9.39 -1.67
N LYS A 74 -4.79 -8.91 -2.25
CA LYS A 74 -5.95 -9.80 -2.48
C LYS A 74 -5.52 -11.16 -3.03
N LYS A 75 -6.37 -12.14 -2.86
CA LYS A 75 -6.05 -13.50 -3.36
C LYS A 75 -5.81 -13.48 -4.87
N MET A 4 -20.50 5.86 13.83
CA MET A 4 -20.04 5.48 15.18
C MET A 4 -18.73 4.71 15.08
N ALA A 5 -17.66 5.43 14.88
CA ALA A 5 -16.34 4.76 14.78
C ALA A 5 -15.22 5.69 15.20
N LYS A 6 -14.16 5.13 15.70
CA LYS A 6 -13.02 5.97 16.14
C LYS A 6 -12.26 6.52 14.95
N LYS A 7 -11.65 7.66 15.13
CA LYS A 7 -10.88 8.25 14.01
C LYS A 7 -9.43 7.79 14.04
N ASP A 8 -9.09 6.90 13.12
CA ASP A 8 -7.69 6.39 13.08
C ASP A 8 -7.17 6.37 11.65
N VAL A 9 -6.54 5.28 11.28
CA VAL A 9 -5.99 5.18 9.91
C VAL A 9 -7.11 4.98 8.90
N ILE A 10 -6.77 5.17 7.64
CA ILE A 10 -7.79 4.99 6.57
C ILE A 10 -7.43 3.82 5.69
N GLU A 11 -8.07 2.71 5.91
CA GLU A 11 -7.77 1.52 5.10
C GLU A 11 -8.46 1.62 3.74
N LEU A 12 -7.67 1.71 2.70
CA LEU A 12 -8.27 1.82 1.33
C LEU A 12 -7.57 0.88 0.35
N GLU A 13 -8.29 0.49 -0.66
CA GLU A 13 -7.69 -0.41 -1.66
C GLU A 13 -6.97 0.38 -2.74
N GLY A 14 -5.85 -0.14 -3.19
CA GLY A 14 -5.09 0.58 -4.24
C GLY A 14 -4.49 -0.42 -5.22
N THR A 15 -3.77 0.07 -6.17
CA THR A 15 -3.15 -0.84 -7.17
C THR A 15 -1.74 -0.42 -7.46
N VAL A 16 -0.83 -1.33 -7.32
CA VAL A 16 0.59 -0.97 -7.59
C VAL A 16 0.75 -0.51 -9.03
N SER A 17 1.28 0.68 -9.19
CA SER A 17 1.47 1.22 -10.57
C SER A 17 2.94 1.18 -10.99
N GLU A 18 3.84 1.29 -10.04
CA GLU A 18 5.28 1.26 -10.42
C GLU A 18 6.16 0.84 -9.27
N ALA A 19 7.26 0.20 -9.59
CA ALA A 19 8.18 -0.26 -8.53
C ALA A 19 9.23 0.81 -8.23
N LEU A 20 9.42 1.09 -6.96
CA LEU A 20 10.41 2.12 -6.54
C LEU A 20 11.46 1.51 -5.59
N PRO A 21 12.64 2.07 -5.58
CA PRO A 21 13.71 1.57 -4.71
C PRO A 21 13.31 1.71 -3.24
N ASN A 22 14.21 1.36 -2.38
CA ASN A 22 13.94 1.46 -0.93
C ASN A 22 12.68 0.68 -0.53
N ALA A 23 12.50 -0.48 -1.10
CA ALA A 23 11.30 -1.30 -0.76
C ALA A 23 10.02 -0.46 -0.79
N MET A 24 9.84 0.27 -1.86
CA MET A 24 8.63 1.11 -1.98
C MET A 24 8.12 1.07 -3.41
N PHE A 25 6.96 1.56 -3.59
CA PHE A 25 6.39 1.57 -4.96
C PHE A 25 5.24 2.58 -5.10
N LYS A 26 4.87 2.86 -6.33
CA LYS A 26 3.77 3.81 -6.55
C LYS A 26 2.47 3.05 -6.72
N VAL A 27 1.47 3.45 -5.97
CA VAL A 27 0.15 2.75 -6.07
C VAL A 27 -0.94 3.68 -6.53
N LYS A 28 -1.80 3.16 -7.38
CA LYS A 28 -2.92 3.99 -7.92
C LYS A 28 -4.25 3.61 -7.26
N LEU A 29 -4.90 4.56 -6.65
CA LEU A 29 -6.18 4.28 -6.00
C LEU A 29 -7.31 4.18 -7.03
N GLU A 30 -8.46 3.77 -6.57
CA GLU A 30 -9.60 3.64 -7.50
C GLU A 30 -10.10 5.02 -7.92
N ASN A 31 -9.67 6.02 -7.21
CA ASN A 31 -10.11 7.40 -7.55
C ASN A 31 -9.37 7.92 -8.79
N GLY A 32 -8.29 7.26 -9.13
CA GLY A 32 -7.51 7.69 -10.33
C GLY A 32 -6.17 8.32 -9.93
N HIS A 33 -6.03 8.68 -8.68
CA HIS A 33 -4.75 9.30 -8.26
C HIS A 33 -3.76 8.24 -7.80
N GLU A 34 -2.59 8.68 -7.42
CA GLU A 34 -1.57 7.73 -6.96
C GLU A 34 -0.84 8.23 -5.74
N ILE A 35 -0.41 7.31 -4.92
CA ILE A 35 0.32 7.70 -3.69
C ILE A 35 1.52 6.79 -3.48
N LEU A 36 2.31 7.09 -2.48
CA LEU A 36 3.51 6.26 -2.22
C LEU A 36 3.19 5.23 -1.16
N CYS A 37 3.62 4.02 -1.37
CA CYS A 37 3.34 2.97 -0.36
C CYS A 37 4.60 2.15 -0.04
N HIS A 38 4.63 1.61 1.17
CA HIS A 38 5.81 0.80 1.58
C HIS A 38 5.37 -0.63 1.91
N ILE A 39 6.27 -1.57 1.75
CA ILE A 39 5.91 -2.99 2.04
C ILE A 39 6.27 -3.38 3.46
N SER A 40 5.48 -4.25 4.02
CA SER A 40 5.75 -4.70 5.41
C SER A 40 6.48 -6.03 5.40
N GLY A 41 7.47 -6.14 6.24
CA GLY A 41 8.25 -7.40 6.28
C GLY A 41 7.35 -8.57 6.73
N LYS A 42 6.18 -8.23 7.21
CA LYS A 42 5.26 -9.30 7.66
C LYS A 42 4.72 -10.08 6.49
N LEU A 43 4.00 -9.43 5.62
CA LEU A 43 3.46 -10.15 4.46
C LEU A 43 4.58 -10.89 3.77
N ARG A 44 5.78 -10.43 4.03
CA ARG A 44 6.95 -11.07 3.42
C ARG A 44 7.07 -12.50 3.90
N MET A 45 7.08 -12.65 5.20
CA MET A 45 7.19 -14.00 5.77
C MET A 45 5.96 -14.84 5.43
N ASN A 46 4.85 -14.19 5.18
CA ASN A 46 3.63 -14.95 4.84
C ASN A 46 3.81 -15.68 3.52
N PHE A 47 4.92 -15.45 2.88
CA PHE A 47 5.16 -16.13 1.59
C PHE A 47 3.98 -15.90 0.64
N ILE A 48 4.03 -14.82 -0.10
CA ILE A 48 2.93 -14.51 -1.04
C ILE A 48 3.49 -13.95 -2.35
N ARG A 49 2.89 -14.32 -3.45
CA ARG A 49 3.39 -13.82 -4.76
C ARG A 49 2.97 -12.37 -4.96
N ILE A 50 3.90 -11.55 -5.40
CA ILE A 50 3.60 -10.10 -5.63
C ILE A 50 4.07 -9.64 -7.01
N LEU A 51 3.33 -8.72 -7.57
CA LEU A 51 3.71 -8.20 -8.91
C LEU A 51 3.07 -6.83 -9.16
N GLU A 52 3.75 -6.01 -9.92
CA GLU A 52 3.20 -4.68 -10.20
C GLU A 52 1.89 -4.76 -10.98
N GLY A 53 1.06 -3.76 -10.80
CA GLY A 53 -0.24 -3.77 -11.52
C GLY A 53 -1.28 -4.53 -10.71
N ASP A 54 -0.82 -5.25 -9.72
CA ASP A 54 -1.77 -6.01 -8.89
C ASP A 54 -2.44 -5.11 -7.86
N LYS A 55 -3.53 -5.57 -7.33
CA LYS A 55 -4.23 -4.77 -6.33
C LYS A 55 -3.77 -5.08 -4.94
N VAL A 56 -3.89 -4.10 -4.10
CA VAL A 56 -3.47 -4.29 -2.71
C VAL A 56 -4.21 -3.34 -1.76
N ASN A 57 -4.09 -3.59 -0.49
CA ASN A 57 -4.78 -2.72 0.48
C ASN A 57 -3.82 -1.63 0.94
N VAL A 58 -4.21 -0.40 0.74
CA VAL A 58 -3.33 0.71 1.16
C VAL A 58 -3.81 1.38 2.43
N GLU A 59 -2.96 1.38 3.41
CA GLU A 59 -3.32 2.01 4.70
C GLU A 59 -2.64 3.37 4.77
N LEU A 60 -3.42 4.40 4.92
CA LEU A 60 -2.82 5.76 5.00
C LEU A 60 -2.62 6.18 6.45
N SER A 61 -1.52 6.86 6.70
CA SER A 61 -1.25 7.32 8.10
C SER A 61 -1.92 8.68 8.39
N PRO A 62 -2.67 8.76 9.48
CA PRO A 62 -3.35 10.01 9.86
C PRO A 62 -2.33 11.10 10.21
N TYR A 63 -1.10 10.69 10.40
CA TYR A 63 -0.05 11.63 10.75
C TYR A 63 0.76 11.93 9.51
N ASP A 64 0.51 11.16 8.50
CA ASP A 64 1.22 11.35 7.24
C ASP A 64 0.30 10.99 6.07
N LEU A 65 -0.65 11.83 5.81
CA LEU A 65 -1.58 11.55 4.70
C LEU A 65 -0.88 11.72 3.37
N THR A 66 0.40 11.58 3.41
CA THR A 66 1.20 11.72 2.17
C THR A 66 1.68 10.36 1.69
N ARG A 67 1.70 9.41 2.60
CA ARG A 67 2.16 8.05 2.23
C ARG A 67 1.30 6.97 2.92
N GLY A 68 1.34 5.80 2.36
CA GLY A 68 0.56 4.68 2.94
C GLY A 68 1.43 3.42 2.92
N ARG A 69 0.81 2.28 3.00
CA ARG A 69 1.62 1.04 2.99
C ARG A 69 0.76 -0.21 2.77
N ILE A 70 1.28 -1.12 1.97
CA ILE A 70 0.52 -2.35 1.70
C ILE A 70 0.95 -3.45 2.66
N THR A 71 -0.02 -4.01 3.32
CA THR A 71 0.28 -5.09 4.28
C THR A 71 -0.57 -6.31 3.97
N TRP A 72 -1.26 -6.25 2.86
CA TRP A 72 -2.12 -7.40 2.48
C TRP A 72 -2.59 -7.29 1.03
N ARG A 73 -2.65 -8.43 0.37
CA ARG A 73 -3.08 -8.45 -1.04
C ARG A 73 -4.27 -9.40 -1.19
N LYS A 74 -5.33 -8.91 -1.80
CA LYS A 74 -6.52 -9.78 -1.98
C LYS A 74 -6.11 -11.18 -2.39
N LYS A 75 -6.31 -12.12 -1.52
CA LYS A 75 -5.95 -13.54 -1.85
C LYS A 75 -6.91 -14.12 -2.87
N MET A 4 3.11 6.43 17.40
CA MET A 4 2.67 7.47 18.35
C MET A 4 1.20 7.24 18.72
N ALA A 5 0.98 6.37 19.65
CA ALA A 5 -0.42 6.08 20.07
C ALA A 5 -1.16 5.31 18.98
N LYS A 6 -0.69 5.42 17.77
CA LYS A 6 -1.36 4.71 16.66
C LYS A 6 -2.86 5.00 16.65
N LYS A 7 -3.24 6.05 15.98
CA LYS A 7 -4.67 6.41 15.91
C LYS A 7 -5.42 5.52 14.92
N ASP A 8 -6.37 6.09 14.24
CA ASP A 8 -7.16 5.31 13.25
C ASP A 8 -6.70 5.62 11.82
N VAL A 9 -6.19 4.64 11.15
CA VAL A 9 -5.72 4.85 9.76
C VAL A 9 -6.85 4.64 8.78
N ILE A 10 -6.65 5.11 7.56
CA ILE A 10 -7.72 4.93 6.54
C ILE A 10 -7.41 3.76 5.61
N GLU A 11 -8.15 2.70 5.76
CA GLU A 11 -7.91 1.52 4.90
C GLU A 11 -8.49 1.76 3.51
N LEU A 12 -7.62 1.74 2.52
CA LEU A 12 -8.10 1.96 1.13
C LEU A 12 -7.40 1.01 0.16
N GLU A 13 -8.17 0.48 -0.75
CA GLU A 13 -7.57 -0.46 -1.73
C GLU A 13 -7.04 0.29 -2.94
N GLY A 14 -5.92 -0.15 -3.43
CA GLY A 14 -5.33 0.53 -4.62
C GLY A 14 -4.56 -0.45 -5.46
N THR A 15 -4.13 -0.01 -6.61
CA THR A 15 -3.37 -0.88 -7.52
C THR A 15 -1.96 -0.38 -7.70
N VAL A 16 -1.01 -1.25 -7.52
CA VAL A 16 0.40 -0.83 -7.69
C VAL A 16 0.65 -0.30 -9.09
N SER A 17 1.20 0.87 -9.18
CA SER A 17 1.47 1.46 -10.50
C SER A 17 2.90 1.17 -10.97
N GLU A 18 3.85 1.23 -10.06
CA GLU A 18 5.24 0.95 -10.47
C GLU A 18 6.10 0.52 -9.28
N ALA A 19 7.18 -0.16 -9.58
CA ALA A 19 8.08 -0.64 -8.50
C ALA A 19 9.29 0.29 -8.35
N LEU A 20 9.46 0.81 -7.15
CA LEU A 20 10.60 1.73 -6.89
C LEU A 20 11.54 1.15 -5.81
N PRO A 21 12.81 1.47 -5.91
CA PRO A 21 13.80 0.99 -4.93
C PRO A 21 13.44 1.43 -3.52
N ASN A 22 14.25 1.04 -2.59
CA ASN A 22 13.99 1.43 -1.18
C ASN A 22 12.82 0.63 -0.59
N ALA A 23 12.50 -0.47 -1.21
CA ALA A 23 11.38 -1.30 -0.70
C ALA A 23 10.05 -0.54 -0.72
N MET A 24 9.82 0.17 -1.80
CA MET A 24 8.57 0.95 -1.91
C MET A 24 8.07 0.90 -3.34
N PHE A 25 6.92 1.45 -3.55
CA PHE A 25 6.35 1.45 -4.91
C PHE A 25 5.26 2.51 -5.06
N LYS A 26 4.88 2.78 -6.29
CA LYS A 26 3.83 3.80 -6.53
C LYS A 26 2.49 3.09 -6.76
N VAL A 27 1.47 3.54 -6.06
CA VAL A 27 0.13 2.90 -6.23
C VAL A 27 -0.90 3.91 -6.71
N LYS A 28 -1.86 3.41 -7.45
CA LYS A 28 -2.94 4.31 -7.97
C LYS A 28 -4.30 3.81 -7.54
N LEU A 29 -4.92 4.57 -6.69
CA LEU A 29 -6.25 4.18 -6.22
C LEU A 29 -7.29 4.29 -7.32
N GLU A 30 -8.16 3.32 -7.40
CA GLU A 30 -9.19 3.38 -8.45
C GLU A 30 -9.82 4.76 -8.47
N ASN A 31 -9.58 5.49 -7.42
CA ASN A 31 -10.14 6.87 -7.34
C ASN A 31 -9.53 7.75 -8.42
N GLY A 32 -8.43 7.29 -8.98
CA GLY A 32 -7.75 8.08 -10.05
C GLY A 32 -6.50 8.78 -9.52
N HIS A 33 -6.32 8.78 -8.21
CA HIS A 33 -5.12 9.44 -7.65
C HIS A 33 -4.03 8.44 -7.34
N GLU A 34 -2.88 8.96 -6.99
CA GLU A 34 -1.73 8.08 -6.67
C GLU A 34 -1.16 8.38 -5.30
N ILE A 35 -0.49 7.40 -4.76
CA ILE A 35 0.11 7.57 -3.43
C ILE A 35 1.34 6.68 -3.29
N LEU A 36 2.22 7.04 -2.39
CA LEU A 36 3.44 6.23 -2.21
C LEU A 36 3.20 5.23 -1.11
N CYS A 37 3.63 4.00 -1.31
CA CYS A 37 3.42 2.98 -0.25
C CYS A 37 4.67 2.18 0.02
N HIS A 38 4.77 1.71 1.25
CA HIS A 38 5.96 0.91 1.64
C HIS A 38 5.52 -0.48 2.07
N ILE A 39 6.44 -1.40 2.06
CA ILE A 39 6.09 -2.78 2.46
C ILE A 39 6.32 -3.00 3.94
N SER A 40 5.42 -3.72 4.55
CA SER A 40 5.54 -4.00 5.99
C SER A 40 6.43 -5.20 6.25
N GLY A 41 6.47 -5.63 7.47
CA GLY A 41 7.31 -6.81 7.81
C GLY A 41 6.59 -8.12 7.47
N LYS A 42 5.34 -8.02 7.08
CA LYS A 42 4.61 -9.27 6.74
C LYS A 42 5.04 -9.80 5.39
N LEU A 43 4.81 -9.03 4.37
CA LEU A 43 5.21 -9.50 3.04
C LEU A 43 6.67 -9.83 3.04
N ARG A 44 7.35 -9.28 3.99
CA ARG A 44 8.79 -9.53 4.10
C ARG A 44 9.01 -10.93 4.65
N MET A 45 8.17 -11.30 5.58
CA MET A 45 8.29 -12.63 6.19
C MET A 45 7.87 -13.70 5.19
N ASN A 46 6.96 -13.33 4.31
CA ASN A 46 6.50 -14.32 3.30
C ASN A 46 7.54 -14.49 2.20
N PHE A 47 8.14 -13.40 1.82
CA PHE A 47 9.17 -13.46 0.76
C PHE A 47 8.57 -13.95 -0.57
N ILE A 48 7.88 -13.05 -1.26
CA ILE A 48 7.26 -13.42 -2.55
C ILE A 48 7.72 -12.48 -3.66
N ARG A 49 6.86 -12.30 -4.62
CA ARG A 49 7.21 -11.40 -5.74
C ARG A 49 5.96 -10.73 -6.31
N ILE A 50 5.72 -9.52 -5.89
CA ILE A 50 4.52 -8.79 -6.39
C ILE A 50 4.87 -7.96 -7.61
N LEU A 51 4.20 -8.22 -8.70
CA LEU A 51 4.47 -7.45 -9.94
C LEU A 51 3.49 -6.30 -10.09
N GLU A 52 4.00 -5.16 -10.47
CA GLU A 52 3.12 -3.99 -10.64
C GLU A 52 1.82 -4.36 -11.34
N GLY A 53 0.80 -3.62 -11.07
CA GLY A 53 -0.51 -3.90 -11.71
C GLY A 53 -1.37 -4.74 -10.77
N ASP A 54 -0.75 -5.29 -9.75
CA ASP A 54 -1.49 -6.12 -8.79
C ASP A 54 -2.21 -5.24 -7.76
N LYS A 55 -3.38 -5.64 -7.37
CA LYS A 55 -4.12 -4.84 -6.39
C LYS A 55 -3.64 -5.09 -4.99
N VAL A 56 -3.75 -4.08 -4.19
CA VAL A 56 -3.31 -4.23 -2.79
C VAL A 56 -4.08 -3.32 -1.84
N ASN A 57 -3.92 -3.54 -0.56
CA ASN A 57 -4.63 -2.70 0.43
C ASN A 57 -3.65 -1.70 0.99
N VAL A 58 -3.93 -0.43 0.78
CA VAL A 58 -3.01 0.61 1.29
C VAL A 58 -3.55 1.32 2.52
N GLU A 59 -2.76 1.29 3.56
CA GLU A 59 -3.18 1.95 4.81
C GLU A 59 -2.56 3.35 4.83
N LEU A 60 -3.40 4.35 4.77
CA LEU A 60 -2.87 5.74 4.78
C LEU A 60 -2.73 6.27 6.21
N SER A 61 -1.74 7.12 6.40
CA SER A 61 -1.54 7.69 7.76
C SER A 61 -2.30 9.03 7.93
N PRO A 62 -3.04 9.19 9.03
CA PRO A 62 -3.79 10.42 9.29
C PRO A 62 -2.86 11.63 9.45
N TYR A 63 -1.61 11.37 9.71
CA TYR A 63 -0.66 12.46 9.88
C TYR A 63 0.08 12.68 8.59
N ASP A 64 -0.09 11.76 7.69
CA ASP A 64 0.58 11.86 6.39
C ASP A 64 -0.34 11.34 5.29
N LEU A 65 -1.28 12.17 4.91
CA LEU A 65 -2.21 11.76 3.84
C LEU A 65 -1.51 11.73 2.50
N THR A 66 -0.23 11.57 2.56
CA THR A 66 0.58 11.53 1.32
C THR A 66 1.24 10.17 1.13
N ARG A 67 1.43 9.46 2.24
CA ARG A 67 2.06 8.12 2.16
C ARG A 67 1.20 7.04 2.85
N GLY A 68 1.34 5.83 2.38
CA GLY A 68 0.56 4.70 2.97
C GLY A 68 1.43 3.44 2.95
N ARG A 69 0.81 2.29 3.03
CA ARG A 69 1.64 1.05 3.02
C ARG A 69 0.80 -0.22 2.79
N ILE A 70 1.39 -1.18 2.10
CA ILE A 70 0.66 -2.44 1.82
C ILE A 70 0.97 -3.47 2.87
N THR A 71 -0.07 -4.00 3.46
CA THR A 71 0.11 -5.02 4.51
C THR A 71 -0.70 -6.25 4.16
N TRP A 72 -1.28 -6.23 2.98
CA TRP A 72 -2.09 -7.37 2.55
C TRP A 72 -2.49 -7.25 1.10
N ARG A 73 -1.95 -8.10 0.27
CA ARG A 73 -2.29 -8.03 -1.15
C ARG A 73 -3.72 -8.51 -1.37
N LYS A 74 -4.28 -8.17 -2.51
CA LYS A 74 -5.68 -8.59 -2.81
C LYS A 74 -5.78 -9.25 -4.19
N LYS A 75 -6.81 -10.03 -4.36
CA LYS A 75 -6.99 -10.71 -5.67
C LYS A 75 -7.12 -9.69 -6.79
N MET A 4 -14.70 7.44 11.13
CA MET A 4 -15.41 6.62 12.13
C MET A 4 -15.25 7.23 13.52
N ALA A 5 -14.04 7.28 13.99
CA ALA A 5 -13.80 7.86 15.34
C ALA A 5 -12.41 8.48 15.43
N LYS A 6 -11.87 8.85 14.31
CA LYS A 6 -10.51 9.46 14.32
C LYS A 6 -9.56 8.65 15.19
N LYS A 7 -9.25 7.46 14.75
CA LYS A 7 -8.33 6.61 15.55
C LYS A 7 -7.52 5.68 14.64
N ASP A 8 -6.57 5.00 15.24
CA ASP A 8 -5.72 4.07 14.46
C ASP A 8 -5.37 4.66 13.09
N VAL A 9 -5.22 3.79 12.12
CA VAL A 9 -4.88 4.25 10.74
C VAL A 9 -6.04 3.98 9.77
N ILE A 10 -5.89 4.45 8.55
CA ILE A 10 -6.97 4.23 7.54
C ILE A 10 -6.56 3.14 6.58
N GLU A 11 -7.53 2.39 6.11
CA GLU A 11 -7.23 1.28 5.14
C GLU A 11 -8.01 1.46 3.84
N LEU A 12 -7.31 1.43 2.75
CA LEU A 12 -8.00 1.59 1.44
C LEU A 12 -7.35 0.74 0.35
N GLU A 13 -8.12 0.41 -0.67
CA GLU A 13 -7.58 -0.43 -1.76
C GLU A 13 -6.96 0.44 -2.86
N GLY A 14 -5.87 -0.03 -3.41
CA GLY A 14 -5.20 0.75 -4.49
C GLY A 14 -4.48 -0.20 -5.43
N THR A 15 -4.21 0.25 -6.63
CA THR A 15 -3.50 -0.63 -7.58
C THR A 15 -2.04 -0.23 -7.69
N VAL A 16 -1.17 -1.20 -7.61
CA VAL A 16 0.27 -0.87 -7.71
C VAL A 16 0.61 -0.40 -9.10
N SER A 17 1.23 0.74 -9.16
CA SER A 17 1.61 1.29 -10.49
C SER A 17 3.08 1.00 -10.82
N GLU A 18 3.92 1.08 -9.83
CA GLU A 18 5.36 0.79 -10.09
C GLU A 18 6.07 0.31 -8.83
N ALA A 19 7.01 -0.58 -9.01
CA ALA A 19 7.74 -1.13 -7.84
C ALA A 19 9.10 -0.44 -7.70
N LEU A 20 9.24 0.36 -6.66
CA LEU A 20 10.53 1.08 -6.44
C LEU A 20 11.38 0.36 -5.38
N PRO A 21 12.69 0.39 -5.56
CA PRO A 21 13.60 -0.26 -4.61
C PRO A 21 13.49 0.36 -3.22
N ASN A 22 14.14 -0.25 -2.28
CA ASN A 22 14.11 0.27 -0.90
C ASN A 22 12.80 -0.06 -0.20
N ALA A 23 12.03 -0.95 -0.78
CA ALA A 23 10.74 -1.32 -0.16
C ALA A 23 9.71 -0.19 -0.31
N MET A 24 9.56 0.30 -1.52
CA MET A 24 8.59 1.39 -1.77
C MET A 24 7.94 1.22 -3.13
N PHE A 25 6.66 1.49 -3.20
CA PHE A 25 5.94 1.35 -4.49
C PHE A 25 5.07 2.56 -4.80
N LYS A 26 4.65 2.61 -6.04
CA LYS A 26 3.78 3.73 -6.50
C LYS A 26 2.42 3.13 -6.81
N VAL A 27 1.42 3.48 -6.03
CA VAL A 27 0.06 2.92 -6.28
C VAL A 27 -0.90 3.95 -6.85
N LYS A 28 -1.86 3.45 -7.59
CA LYS A 28 -2.86 4.34 -8.22
C LYS A 28 -4.28 3.89 -7.87
N LEU A 29 -4.98 4.73 -7.18
CA LEU A 29 -6.36 4.36 -6.80
C LEU A 29 -7.30 4.53 -7.99
N GLU A 30 -8.16 3.57 -8.16
CA GLU A 30 -9.11 3.64 -9.29
C GLU A 30 -9.73 5.03 -9.37
N ASN A 31 -9.65 5.75 -8.29
CA ASN A 31 -10.24 7.12 -8.28
C ASN A 31 -9.43 8.06 -9.18
N GLY A 32 -8.24 7.63 -9.51
CA GLY A 32 -7.37 8.48 -10.39
C GLY A 32 -6.19 9.06 -9.60
N HIS A 33 -6.25 8.96 -8.29
CA HIS A 33 -5.14 9.50 -7.47
C HIS A 33 -4.00 8.50 -7.34
N GLU A 34 -2.86 8.99 -6.93
CA GLU A 34 -1.68 8.11 -6.76
C GLU A 34 -1.04 8.36 -5.42
N ILE A 35 -0.51 7.30 -4.82
CA ILE A 35 0.13 7.47 -3.50
C ILE A 35 1.32 6.54 -3.32
N LEU A 36 2.29 6.98 -2.57
CA LEU A 36 3.47 6.13 -2.35
C LEU A 36 3.19 5.18 -1.21
N CYS A 37 3.35 3.90 -1.46
CA CYS A 37 3.10 2.91 -0.39
C CYS A 37 4.36 2.15 -0.01
N HIS A 38 4.59 2.02 1.27
CA HIS A 38 5.80 1.31 1.73
C HIS A 38 5.45 -0.13 2.08
N ILE A 39 6.47 -0.90 2.37
CA ILE A 39 6.24 -2.32 2.72
C ILE A 39 6.30 -2.53 4.23
N SER A 40 5.51 -3.47 4.70
CA SER A 40 5.49 -3.76 6.15
C SER A 40 6.45 -4.91 6.45
N GLY A 41 6.81 -5.04 7.69
CA GLY A 41 7.76 -6.14 8.07
C GLY A 41 7.01 -7.47 8.24
N LYS A 42 5.81 -7.41 8.73
CA LYS A 42 5.04 -8.66 8.92
C LYS A 42 4.72 -9.34 7.61
N LEU A 43 4.13 -8.62 6.69
CA LEU A 43 3.81 -9.25 5.40
C LEU A 43 5.04 -9.93 4.82
N ARG A 44 6.20 -9.51 5.24
CA ARG A 44 7.41 -10.16 4.69
C ARG A 44 7.52 -11.51 5.30
N MET A 45 7.25 -11.57 6.57
CA MET A 45 7.32 -12.87 7.25
C MET A 45 6.44 -13.85 6.49
N ASN A 46 5.40 -13.32 5.87
CA ASN A 46 4.49 -14.20 5.11
C ASN A 46 4.92 -14.27 3.64
N PHE A 47 6.00 -13.60 3.34
CA PHE A 47 6.51 -13.60 1.94
C PHE A 47 5.38 -13.46 0.91
N ILE A 48 5.06 -12.23 0.59
CA ILE A 48 3.97 -11.98 -0.39
C ILE A 48 4.51 -11.21 -1.60
N ARG A 49 4.72 -11.92 -2.68
CA ARG A 49 5.25 -11.24 -3.89
C ARG A 49 4.19 -10.33 -4.51
N ILE A 50 4.47 -9.04 -4.52
CA ILE A 50 3.51 -8.07 -5.10
C ILE A 50 4.04 -7.51 -6.42
N LEU A 51 3.40 -7.89 -7.50
CA LEU A 51 3.86 -7.39 -8.83
C LEU A 51 3.03 -6.20 -9.28
N GLU A 52 3.70 -5.20 -9.78
CA GLU A 52 2.99 -4.00 -10.24
C GLU A 52 1.78 -4.37 -11.08
N GLY A 53 0.79 -3.52 -11.07
CA GLY A 53 -0.42 -3.82 -11.88
C GLY A 53 -1.42 -4.62 -11.04
N ASP A 54 -0.96 -5.14 -9.93
CA ASP A 54 -1.86 -5.93 -9.07
C ASP A 54 -2.51 -5.05 -8.01
N LYS A 55 -3.63 -5.47 -7.52
CA LYS A 55 -4.30 -4.67 -6.49
C LYS A 55 -3.81 -4.99 -5.12
N VAL A 56 -3.73 -3.99 -4.32
CA VAL A 56 -3.25 -4.19 -2.95
C VAL A 56 -3.95 -3.24 -1.98
N ASN A 57 -3.90 -3.55 -0.71
CA ASN A 57 -4.56 -2.67 0.26
C ASN A 57 -3.56 -1.66 0.77
N VAL A 58 -3.86 -0.41 0.57
CA VAL A 58 -2.93 0.65 1.03
C VAL A 58 -3.42 1.33 2.29
N GLU A 59 -2.61 1.28 3.31
CA GLU A 59 -3.00 1.92 4.58
C GLU A 59 -2.49 3.34 4.56
N LEU A 60 -3.38 4.29 4.72
CA LEU A 60 -2.93 5.71 4.73
C LEU A 60 -2.74 6.24 6.13
N SER A 61 -1.70 7.03 6.32
CA SER A 61 -1.45 7.59 7.67
C SER A 61 -2.11 8.98 7.81
N PRO A 62 -2.88 9.18 8.89
CA PRO A 62 -3.55 10.47 9.11
C PRO A 62 -2.55 11.62 9.16
N TYR A 63 -1.29 11.30 9.05
CA TYR A 63 -0.24 12.33 9.09
C TYR A 63 0.19 12.63 7.69
N ASP A 64 -0.19 11.77 6.80
CA ASP A 64 0.18 11.96 5.38
C ASP A 64 -0.89 11.40 4.46
N LEU A 65 -1.87 12.19 4.16
CA LEU A 65 -2.94 11.72 3.26
C LEU A 65 -2.43 11.56 1.85
N THR A 66 -1.14 11.39 1.75
CA THR A 66 -0.51 11.23 0.41
C THR A 66 0.51 10.10 0.45
N ARG A 67 0.59 9.44 1.58
CA ARG A 67 1.55 8.33 1.72
C ARG A 67 0.92 7.21 2.55
N GLY A 68 1.08 5.99 2.09
CA GLY A 68 0.50 4.84 2.84
C GLY A 68 1.46 3.64 2.81
N ARG A 69 0.90 2.44 2.81
CA ARG A 69 1.80 1.24 2.79
C ARG A 69 1.03 -0.04 2.44
N ILE A 70 1.73 -0.99 1.84
CA ILE A 70 1.08 -2.28 1.46
C ILE A 70 1.27 -3.32 2.55
N THR A 71 0.18 -3.83 3.04
CA THR A 71 0.24 -4.86 4.10
C THR A 71 -0.57 -6.09 3.73
N TRP A 72 -1.05 -6.12 2.51
CA TRP A 72 -1.85 -7.30 2.11
C TRP A 72 -2.27 -7.23 0.64
N ARG A 73 -1.71 -8.10 -0.15
CA ARG A 73 -2.06 -8.10 -1.58
C ARG A 73 -3.43 -8.72 -1.79
N LYS A 74 -4.30 -8.01 -2.47
CA LYS A 74 -5.65 -8.55 -2.72
C LYS A 74 -5.59 -10.00 -3.18
N LYS A 75 -6.55 -10.78 -2.76
CA LYS A 75 -6.56 -12.21 -3.16
C LYS A 75 -7.96 -12.80 -3.03
N MET A 4 -1.19 -1.24 21.82
CA MET A 4 -2.27 -1.78 22.67
C MET A 4 -3.44 -2.25 21.79
N ALA A 5 -3.12 -2.89 20.70
CA ALA A 5 -4.18 -3.36 19.79
C ALA A 5 -5.12 -2.24 19.38
N LYS A 6 -4.81 -1.59 18.29
CA LYS A 6 -5.66 -0.47 17.83
C LYS A 6 -5.24 0.01 16.44
N LYS A 7 -4.35 0.96 16.42
CA LYS A 7 -3.88 1.49 15.11
C LYS A 7 -5.03 2.10 14.32
N ASP A 8 -5.11 3.41 14.34
CA ASP A 8 -6.20 4.08 13.59
C ASP A 8 -5.68 4.62 12.26
N VAL A 9 -6.18 4.08 11.18
CA VAL A 9 -5.71 4.55 9.86
C VAL A 9 -6.81 4.45 8.81
N ILE A 10 -6.54 4.96 7.64
CA ILE A 10 -7.55 4.91 6.55
C ILE A 10 -7.21 3.80 5.57
N GLU A 11 -7.90 2.70 5.70
CA GLU A 11 -7.62 1.56 4.79
C GLU A 11 -8.35 1.72 3.46
N LEU A 12 -7.59 1.77 2.39
CA LEU A 12 -8.20 1.94 1.05
C LEU A 12 -7.57 0.96 0.06
N GLU A 13 -8.29 0.65 -1.00
CA GLU A 13 -7.74 -0.30 -2.00
C GLU A 13 -7.02 0.45 -3.11
N GLY A 14 -5.95 -0.13 -3.60
CA GLY A 14 -5.20 0.54 -4.69
C GLY A 14 -4.46 -0.49 -5.52
N THR A 15 -4.05 -0.09 -6.70
CA THR A 15 -3.31 -1.02 -7.58
C THR A 15 -1.88 -0.55 -7.76
N VAL A 16 -0.95 -1.44 -7.58
CA VAL A 16 0.46 -1.03 -7.74
C VAL A 16 0.76 -0.64 -9.17
N SER A 17 1.10 0.61 -9.36
CA SER A 17 1.40 1.09 -10.72
C SER A 17 2.91 1.10 -11.00
N GLU A 18 3.69 1.38 -9.98
CA GLU A 18 5.17 1.40 -10.18
C GLU A 18 5.90 0.81 -8.98
N ALA A 19 7.12 0.38 -9.22
CA ALA A 19 7.93 -0.22 -8.12
C ALA A 19 9.25 0.52 -7.95
N LEU A 20 9.42 1.12 -6.78
CA LEU A 20 10.68 1.87 -6.53
C LEU A 20 11.67 1.02 -5.73
N PRO A 21 12.95 1.22 -5.96
CA PRO A 21 13.99 0.48 -5.26
C PRO A 21 13.92 0.71 -3.75
N ASN A 22 14.37 -0.27 -3.01
CA ASN A 22 14.35 -0.15 -1.51
C ASN A 22 12.96 -0.44 -0.93
N ALA A 23 12.34 -1.49 -1.38
CA ALA A 23 10.99 -1.84 -0.86
C ALA A 23 10.05 -0.64 -0.90
N MET A 24 9.87 -0.10 -2.06
CA MET A 24 8.98 1.07 -2.20
C MET A 24 8.26 0.99 -3.53
N PHE A 25 7.03 1.39 -3.52
CA PHE A 25 6.25 1.33 -4.80
C PHE A 25 5.15 2.37 -4.84
N LYS A 26 4.63 2.55 -6.03
CA LYS A 26 3.53 3.53 -6.22
C LYS A 26 2.23 2.78 -6.44
N VAL A 27 1.16 3.31 -5.90
CA VAL A 27 -0.15 2.64 -6.07
C VAL A 27 -1.22 3.64 -6.45
N LYS A 28 -1.98 3.29 -7.45
CA LYS A 28 -3.06 4.20 -7.91
C LYS A 28 -4.41 3.77 -7.36
N LEU A 29 -5.11 4.70 -6.77
CA LEU A 29 -6.42 4.38 -6.21
C LEU A 29 -7.52 4.49 -7.27
N GLU A 30 -8.71 4.16 -6.89
CA GLU A 30 -9.84 4.24 -7.85
C GLU A 30 -10.22 5.69 -8.12
N ASN A 31 -10.04 6.52 -7.12
CA ASN A 31 -10.38 7.95 -7.30
C ASN A 31 -9.51 8.58 -8.37
N GLY A 32 -8.50 7.86 -8.80
CA GLY A 32 -7.59 8.40 -9.85
C GLY A 32 -6.32 9.00 -9.23
N HIS A 33 -6.31 9.13 -7.94
CA HIS A 33 -5.11 9.70 -7.28
C HIS A 33 -4.06 8.63 -7.01
N GLU A 34 -2.83 9.06 -6.89
CA GLU A 34 -1.73 8.11 -6.63
C GLU A 34 -1.09 8.39 -5.27
N ILE A 35 -0.62 7.35 -4.63
CA ILE A 35 0.02 7.52 -3.30
C ILE A 35 1.24 6.63 -3.16
N LEU A 36 2.20 7.09 -2.39
CA LEU A 36 3.40 6.27 -2.21
C LEU A 36 3.15 5.21 -1.16
N CYS A 37 3.88 4.13 -1.22
CA CYS A 37 3.66 3.07 -0.22
C CYS A 37 4.96 2.37 0.13
N HIS A 38 4.98 1.83 1.31
CA HIS A 38 6.19 1.11 1.79
C HIS A 38 5.80 -0.27 2.28
N ILE A 39 6.65 -1.23 2.04
CA ILE A 39 6.32 -2.60 2.49
C ILE A 39 6.39 -2.71 4.00
N SER A 40 5.41 -3.36 4.57
CA SER A 40 5.40 -3.51 6.04
C SER A 40 6.04 -4.84 6.46
N GLY A 41 6.34 -4.95 7.72
CA GLY A 41 6.98 -6.21 8.20
C GLY A 41 5.93 -7.29 8.43
N LYS A 42 4.68 -6.92 8.32
CA LYS A 42 3.61 -7.92 8.53
C LYS A 42 3.51 -8.86 7.34
N LEU A 43 3.19 -8.31 6.22
CA LEU A 43 3.07 -9.17 5.03
C LEU A 43 4.36 -9.94 4.83
N ARG A 44 5.41 -9.44 5.40
CA ARG A 44 6.69 -10.12 5.26
C ARG A 44 6.65 -11.40 6.06
N MET A 45 6.10 -11.30 7.24
CA MET A 45 6.02 -12.51 8.09
C MET A 45 5.18 -13.56 7.38
N ASN A 46 4.28 -13.11 6.53
CA ASN A 46 3.43 -14.08 5.80
C ASN A 46 4.27 -14.86 4.78
N PHE A 47 5.53 -14.52 4.72
CA PHE A 47 6.46 -15.21 3.76
C PHE A 47 5.97 -15.09 2.30
N ILE A 48 5.76 -13.88 1.87
CA ILE A 48 5.29 -13.65 0.47
C ILE A 48 5.72 -12.27 -0.01
N ARG A 49 5.52 -12.01 -1.28
CA ARG A 49 5.91 -10.69 -1.83
C ARG A 49 4.86 -10.17 -2.81
N ILE A 50 4.94 -8.90 -3.09
CA ILE A 50 3.96 -8.29 -4.03
C ILE A 50 4.62 -7.92 -5.36
N LEU A 51 3.86 -7.99 -6.42
CA LEU A 51 4.40 -7.65 -7.76
C LEU A 51 3.52 -6.61 -8.48
N GLU A 52 4.16 -5.65 -9.09
CA GLU A 52 3.41 -4.60 -9.80
C GLU A 52 2.21 -5.17 -10.55
N GLY A 53 1.20 -4.35 -10.72
CA GLY A 53 -0.01 -4.83 -11.45
C GLY A 53 -0.93 -5.58 -10.50
N ASP A 54 -0.44 -5.86 -9.32
CA ASP A 54 -1.27 -6.59 -8.35
C ASP A 54 -2.01 -5.63 -7.44
N LYS A 55 -3.27 -5.89 -7.23
CA LYS A 55 -4.04 -5.01 -6.37
C LYS A 55 -3.68 -5.22 -4.94
N VAL A 56 -3.79 -4.18 -4.20
CA VAL A 56 -3.44 -4.28 -2.78
C VAL A 56 -4.21 -3.27 -1.95
N ASN A 57 -4.20 -3.48 -0.66
CA ASN A 57 -4.91 -2.55 0.23
C ASN A 57 -3.88 -1.59 0.78
N VAL A 58 -4.12 -0.32 0.61
CA VAL A 58 -3.15 0.69 1.11
C VAL A 58 -3.61 1.35 2.40
N GLU A 59 -2.74 1.33 3.36
CA GLU A 59 -3.06 1.95 4.66
C GLU A 59 -2.40 3.32 4.75
N LEU A 60 -3.21 4.35 4.71
CA LEU A 60 -2.65 5.71 4.78
C LEU A 60 -2.54 6.17 6.23
N SER A 61 -1.56 7.00 6.52
CA SER A 61 -1.39 7.49 7.92
C SER A 61 -1.97 8.91 8.11
N PRO A 62 -2.58 9.14 9.28
CA PRO A 62 -3.17 10.46 9.58
C PRO A 62 -2.12 11.55 9.67
N TYR A 63 -0.87 11.16 9.52
CA TYR A 63 0.20 12.14 9.58
C TYR A 63 0.43 12.70 8.21
N ASP A 64 0.03 11.93 7.24
CA ASP A 64 0.20 12.36 5.85
C ASP A 64 -0.60 11.48 4.92
N LEU A 65 -1.78 11.92 4.59
CA LEU A 65 -2.63 11.12 3.68
C LEU A 65 -2.02 11.06 2.29
N THR A 66 -0.76 11.36 2.23
CA THR A 66 -0.05 11.34 0.94
C THR A 66 0.82 10.10 0.84
N ARG A 67 0.95 9.41 1.94
CA ARG A 67 1.78 8.17 1.94
C ARG A 67 1.08 7.05 2.74
N GLY A 68 1.26 5.84 2.27
CA GLY A 68 0.62 4.69 2.98
C GLY A 68 1.56 3.48 2.97
N ARG A 69 0.99 2.31 3.01
CA ARG A 69 1.85 1.09 3.00
C ARG A 69 1.05 -0.16 2.63
N ILE A 70 1.71 -1.13 2.04
CA ILE A 70 1.00 -2.38 1.65
C ILE A 70 1.09 -3.42 2.74
N THR A 71 -0.04 -3.84 3.22
CA THR A 71 -0.06 -4.86 4.28
C THR A 71 -0.95 -6.01 3.87
N TRP A 72 -1.40 -5.98 2.63
CA TRP A 72 -2.28 -7.05 2.15
C TRP A 72 -2.43 -7.00 0.63
N ARG A 73 -1.88 -7.98 -0.05
CA ARG A 73 -1.97 -8.00 -1.52
C ARG A 73 -3.03 -9.00 -1.99
N LYS A 74 -3.49 -8.83 -3.20
CA LYS A 74 -4.51 -9.75 -3.74
C LYS A 74 -4.18 -10.15 -5.18
N LYS A 75 -4.44 -11.38 -5.51
CA LYS A 75 -4.13 -11.85 -6.88
C LYS A 75 -4.56 -10.81 -7.91
N MET A 4 -9.54 -0.41 13.40
CA MET A 4 -9.10 0.41 14.54
C MET A 4 -8.39 -0.45 15.57
N ALA A 5 -7.85 -1.55 15.12
CA ALA A 5 -7.15 -2.45 16.06
C ALA A 5 -5.70 -2.05 16.20
N LYS A 6 -5.12 -1.59 15.11
CA LYS A 6 -3.70 -1.17 15.16
C LYS A 6 -3.59 0.30 15.52
N LYS A 7 -3.82 1.15 14.55
CA LYS A 7 -3.74 2.60 14.82
C LYS A 7 -4.75 3.36 13.97
N ASP A 8 -4.71 4.66 14.06
CA ASP A 8 -5.66 5.47 13.26
C ASP A 8 -5.13 5.68 11.85
N VAL A 9 -5.76 5.05 10.90
CA VAL A 9 -5.31 5.20 9.50
C VAL A 9 -6.47 5.06 8.52
N ILE A 10 -6.26 5.50 7.31
CA ILE A 10 -7.36 5.39 6.30
C ILE A 10 -7.15 4.17 5.43
N GLU A 11 -7.92 3.15 5.67
CA GLU A 11 -7.79 1.92 4.87
C GLU A 11 -8.35 2.11 3.46
N LEU A 12 -7.49 2.09 2.49
CA LEU A 12 -7.94 2.29 1.09
C LEU A 12 -7.23 1.30 0.17
N GLU A 13 -7.98 0.70 -0.72
CA GLU A 13 -7.36 -0.26 -1.64
C GLU A 13 -6.92 0.43 -2.92
N GLY A 14 -5.77 0.03 -3.43
CA GLY A 14 -5.26 0.67 -4.66
C GLY A 14 -4.62 -0.39 -5.56
N THR A 15 -3.91 0.07 -6.55
CA THR A 15 -3.24 -0.87 -7.47
C THR A 15 -1.83 -0.41 -7.78
N VAL A 16 -0.89 -1.30 -7.61
CA VAL A 16 0.52 -0.92 -7.90
C VAL A 16 0.71 -0.49 -9.34
N SER A 17 1.33 0.65 -9.51
CA SER A 17 1.57 1.17 -10.89
C SER A 17 3.06 1.37 -11.19
N GLU A 18 3.84 1.70 -10.18
CA GLU A 18 5.31 1.90 -10.43
C GLU A 18 6.15 1.36 -9.29
N ALA A 19 7.38 1.01 -9.59
CA ALA A 19 8.28 0.47 -8.53
C ALA A 19 9.12 1.59 -7.92
N LEU A 20 9.07 1.69 -6.60
CA LEU A 20 9.86 2.75 -5.91
C LEU A 20 10.96 2.13 -5.02
N PRO A 21 12.10 2.80 -4.95
CA PRO A 21 13.23 2.32 -4.14
C PRO A 21 12.88 2.32 -2.65
N ASN A 22 13.68 1.62 -1.89
CA ASN A 22 13.44 1.55 -0.42
C ASN A 22 12.28 0.61 -0.06
N ALA A 23 12.14 -0.43 -0.83
CA ALA A 23 11.03 -1.41 -0.56
C ALA A 23 9.66 -0.75 -0.58
N MET A 24 9.31 -0.19 -1.71
CA MET A 24 7.99 0.46 -1.82
C MET A 24 7.64 0.64 -3.29
N PHE A 25 6.47 1.11 -3.52
CA PHE A 25 6.04 1.30 -4.93
C PHE A 25 4.86 2.27 -5.03
N LYS A 26 4.65 2.79 -6.21
CA LYS A 26 3.53 3.72 -6.39
C LYS A 26 2.27 2.94 -6.66
N VAL A 27 1.18 3.37 -6.06
CA VAL A 27 -0.11 2.66 -6.27
C VAL A 27 -1.21 3.62 -6.71
N LYS A 28 -1.91 3.26 -7.74
CA LYS A 28 -2.99 4.13 -8.23
C LYS A 28 -4.33 3.67 -7.68
N LEU A 29 -5.01 4.55 -7.01
CA LEU A 29 -6.30 4.18 -6.44
C LEU A 29 -7.37 4.07 -7.51
N GLU A 30 -8.39 3.31 -7.22
CA GLU A 30 -9.48 3.14 -8.20
C GLU A 30 -9.93 4.48 -8.75
N ASN A 31 -9.99 5.46 -7.90
CA ASN A 31 -10.42 6.78 -8.37
C ASN A 31 -9.38 7.38 -9.31
N GLY A 32 -8.19 6.82 -9.28
CA GLY A 32 -7.09 7.33 -10.15
C GLY A 32 -6.02 8.07 -9.34
N HIS A 33 -6.22 8.18 -8.06
CA HIS A 33 -5.20 8.89 -7.24
C HIS A 33 -3.96 8.04 -7.01
N GLU A 34 -2.81 8.66 -7.12
CA GLU A 34 -1.55 7.94 -6.93
C GLU A 34 -0.98 8.17 -5.54
N ILE A 35 -0.49 7.12 -4.94
CA ILE A 35 0.09 7.27 -3.58
C ILE A 35 1.25 6.31 -3.38
N LEU A 36 2.14 6.67 -2.50
CA LEU A 36 3.30 5.80 -2.24
C LEU A 36 2.98 4.83 -1.12
N CYS A 37 3.32 3.59 -1.33
CA CYS A 37 3.06 2.56 -0.30
C CYS A 37 4.27 1.67 -0.09
N HIS A 38 4.48 1.26 1.14
CA HIS A 38 5.66 0.39 1.44
C HIS A 38 5.21 -1.03 1.75
N ILE A 39 6.17 -1.90 1.99
CA ILE A 39 5.83 -3.31 2.31
C ILE A 39 6.18 -3.67 3.75
N SER A 40 5.51 -4.67 4.26
CA SER A 40 5.76 -5.10 5.64
C SER A 40 6.53 -6.41 5.67
N GLY A 41 7.23 -6.65 6.74
CA GLY A 41 8.01 -7.92 6.84
C GLY A 41 7.09 -9.10 7.18
N LYS A 42 5.85 -8.81 7.46
CA LYS A 42 4.91 -9.90 7.81
C LYS A 42 4.53 -10.70 6.58
N LEU A 43 3.95 -10.03 5.63
CA LEU A 43 3.56 -10.76 4.40
C LEU A 43 4.76 -11.49 3.84
N ARG A 44 5.93 -11.04 4.22
CA ARG A 44 7.14 -11.70 3.73
C ARG A 44 7.25 -13.06 4.38
N MET A 45 7.10 -13.08 5.68
CA MET A 45 7.19 -14.35 6.42
C MET A 45 6.20 -15.36 5.85
N ASN A 46 5.05 -14.88 5.42
CA ASN A 46 4.05 -15.82 4.87
C ASN A 46 4.49 -16.34 3.51
N PHE A 47 5.73 -16.10 3.17
CA PHE A 47 6.24 -16.56 1.85
C PHE A 47 5.41 -16.01 0.71
N ILE A 48 4.93 -14.80 0.87
CA ILE A 48 4.10 -14.18 -0.18
C ILE A 48 4.93 -13.25 -1.06
N ARG A 49 4.35 -12.80 -2.14
CA ARG A 49 5.07 -11.89 -3.04
C ARG A 49 4.10 -10.93 -3.71
N ILE A 50 4.61 -9.79 -4.09
CA ILE A 50 3.74 -8.79 -4.78
C ILE A 50 4.42 -8.25 -6.03
N LEU A 51 3.62 -7.99 -7.05
CA LEU A 51 4.19 -7.45 -8.31
C LEU A 51 3.38 -6.25 -8.80
N GLU A 52 3.87 -5.60 -9.82
CA GLU A 52 3.16 -4.43 -10.33
C GLU A 52 1.82 -4.82 -10.94
N GLY A 53 0.89 -3.91 -10.92
CA GLY A 53 -0.45 -4.23 -11.49
C GLY A 53 -1.28 -5.01 -10.49
N ASP A 54 -0.64 -5.50 -9.47
CA ASP A 54 -1.38 -6.27 -8.45
C ASP A 54 -2.08 -5.33 -7.47
N LYS A 55 -3.32 -5.64 -7.16
CA LYS A 55 -4.05 -4.78 -6.23
C LYS A 55 -3.59 -5.00 -4.82
N VAL A 56 -3.69 -3.98 -4.04
CA VAL A 56 -3.26 -4.10 -2.65
C VAL A 56 -4.00 -3.15 -1.72
N ASN A 57 -3.89 -3.39 -0.44
CA ASN A 57 -4.57 -2.52 0.53
C ASN A 57 -3.59 -1.48 1.02
N VAL A 58 -3.92 -0.23 0.81
CA VAL A 58 -3.00 0.84 1.26
C VAL A 58 -3.49 1.55 2.52
N GLU A 59 -2.65 1.54 3.52
CA GLU A 59 -3.01 2.20 4.79
C GLU A 59 -2.30 3.55 4.85
N LEU A 60 -3.06 4.60 4.67
CA LEU A 60 -2.45 5.96 4.72
C LEU A 60 -2.27 6.44 6.16
N SER A 61 -1.22 7.22 6.37
CA SER A 61 -0.96 7.74 7.76
C SER A 61 -1.49 9.20 7.92
N PRO A 62 -2.12 9.47 9.07
CA PRO A 62 -2.66 10.81 9.34
C PRO A 62 -1.56 11.88 9.43
N TYR A 63 -0.33 11.44 9.45
CA TYR A 63 0.77 12.39 9.52
C TYR A 63 1.20 12.77 8.14
N ASP A 64 0.90 11.92 7.22
CA ASP A 64 1.27 12.19 5.83
C ASP A 64 0.32 11.49 4.88
N LEU A 65 -0.75 12.17 4.53
CA LEU A 65 -1.73 11.55 3.61
C LEU A 65 -1.14 11.42 2.22
N THR A 66 0.15 11.45 2.17
CA THR A 66 0.86 11.33 0.88
C THR A 66 1.56 9.98 0.77
N ARG A 67 1.59 9.26 1.87
CA ARG A 67 2.25 7.92 1.87
C ARG A 67 1.43 6.91 2.66
N GLY A 68 1.49 5.68 2.24
CA GLY A 68 0.73 4.61 2.95
C GLY A 68 1.59 3.34 3.07
N ARG A 69 0.96 2.23 3.33
CA ARG A 69 1.75 0.97 3.45
C ARG A 69 0.89 -0.27 3.18
N ILE A 70 1.41 -1.13 2.35
CA ILE A 70 0.67 -2.37 2.01
C ILE A 70 1.12 -3.53 2.86
N THR A 71 0.16 -4.21 3.44
CA THR A 71 0.50 -5.36 4.29
C THR A 71 -0.30 -6.58 3.88
N TRP A 72 -1.01 -6.47 2.78
CA TRP A 72 -1.81 -7.63 2.33
C TRP A 72 -2.34 -7.44 0.91
N ARG A 73 -1.84 -8.23 0.01
CA ARG A 73 -2.32 -8.11 -1.37
C ARG A 73 -3.71 -8.69 -1.48
N LYS A 74 -4.49 -8.20 -2.41
CA LYS A 74 -5.88 -8.74 -2.56
C LYS A 74 -5.87 -10.26 -2.48
N LYS A 75 -6.44 -10.79 -1.42
CA LYS A 75 -6.48 -12.26 -1.26
C LYS A 75 -7.82 -12.82 -1.72
N MET A 4 -2.15 -3.22 22.86
CA MET A 4 -3.26 -2.69 22.03
C MET A 4 -2.79 -1.49 21.22
N ALA A 5 -3.70 -0.91 20.49
CA ALA A 5 -3.32 0.27 19.68
C ALA A 5 -4.56 1.03 19.22
N LYS A 6 -4.34 2.17 18.60
CA LYS A 6 -5.49 2.97 18.13
C LYS A 6 -5.87 2.58 16.70
N LYS A 7 -6.88 3.24 16.18
CA LYS A 7 -7.33 2.92 14.79
C LYS A 7 -7.60 4.20 14.02
N ASP A 8 -6.54 4.90 13.67
CA ASP A 8 -6.71 6.17 12.91
C ASP A 8 -6.18 6.04 11.49
N VAL A 9 -6.03 4.83 11.03
CA VAL A 9 -5.51 4.63 9.65
C VAL A 9 -6.66 4.50 8.67
N ILE A 10 -6.50 5.08 7.50
CA ILE A 10 -7.59 4.99 6.50
C ILE A 10 -7.33 3.84 5.54
N GLU A 11 -8.02 2.75 5.75
CA GLU A 11 -7.83 1.58 4.87
C GLU A 11 -8.43 1.84 3.49
N LEU A 12 -7.57 1.90 2.49
CA LEU A 12 -8.06 2.15 1.11
C LEU A 12 -7.45 1.13 0.14
N GLU A 13 -8.18 0.83 -0.91
CA GLU A 13 -7.66 -0.15 -1.90
C GLU A 13 -7.01 0.55 -3.08
N GLY A 14 -5.96 -0.02 -3.60
CA GLY A 14 -5.29 0.62 -4.76
C GLY A 14 -4.62 -0.43 -5.63
N THR A 15 -3.92 0.04 -6.63
CA THR A 15 -3.22 -0.90 -7.54
C THR A 15 -1.78 -0.49 -7.71
N VAL A 16 -0.88 -1.42 -7.56
CA VAL A 16 0.55 -1.06 -7.73
C VAL A 16 0.81 -0.59 -9.14
N SER A 17 1.20 0.65 -9.27
CA SER A 17 1.48 1.17 -10.62
C SER A 17 2.97 1.10 -10.99
N GLU A 18 3.84 1.35 -10.03
CA GLU A 18 5.30 1.29 -10.37
C GLU A 18 6.12 0.78 -9.19
N ALA A 19 7.24 0.16 -9.51
CA ALA A 19 8.12 -0.38 -8.45
C ALA A 19 9.29 0.56 -8.21
N LEU A 20 9.52 0.88 -6.95
CA LEU A 20 10.65 1.79 -6.61
C LEU A 20 11.62 1.11 -5.64
N PRO A 21 12.89 1.51 -5.71
CA PRO A 21 13.91 0.92 -4.84
C PRO A 21 13.58 1.20 -3.38
N ASN A 22 14.59 1.17 -2.58
CA ASN A 22 14.38 1.42 -1.13
C ASN A 22 13.20 0.62 -0.58
N ALA A 23 12.73 -0.32 -1.35
CA ALA A 23 11.58 -1.16 -0.88
C ALA A 23 10.25 -0.38 -0.85
N MET A 24 10.01 0.40 -1.88
CA MET A 24 8.75 1.17 -1.94
C MET A 24 8.18 1.12 -3.34
N PHE A 25 7.00 1.59 -3.49
CA PHE A 25 6.37 1.57 -4.84
C PHE A 25 5.21 2.56 -4.94
N LYS A 26 4.81 2.81 -6.15
CA LYS A 26 3.69 3.74 -6.37
C LYS A 26 2.40 2.94 -6.53
N VAL A 27 1.34 3.39 -5.91
CA VAL A 27 0.05 2.66 -6.02
C VAL A 27 -1.08 3.60 -6.40
N LYS A 28 -1.98 3.09 -7.20
CA LYS A 28 -3.13 3.93 -7.64
C LYS A 28 -4.40 3.55 -6.88
N LEU A 29 -4.94 4.50 -6.16
CA LEU A 29 -6.16 4.23 -5.40
C LEU A 29 -7.36 4.15 -6.33
N GLU A 30 -8.46 3.69 -5.79
CA GLU A 30 -9.68 3.58 -6.62
C GLU A 30 -10.19 4.96 -6.99
N ASN A 31 -9.75 5.94 -6.25
CA ASN A 31 -10.19 7.32 -6.54
C ASN A 31 -9.60 7.80 -7.86
N GLY A 32 -8.59 7.10 -8.33
CA GLY A 32 -7.95 7.49 -9.62
C GLY A 32 -6.60 8.18 -9.37
N HIS A 33 -6.33 8.50 -8.13
CA HIS A 33 -5.04 9.17 -7.82
C HIS A 33 -3.97 8.16 -7.47
N GLU A 34 -2.77 8.65 -7.23
CA GLU A 34 -1.66 7.74 -6.88
C GLU A 34 -0.90 8.26 -5.67
N ILE A 35 -0.52 7.35 -4.81
CA ILE A 35 0.23 7.75 -3.60
C ILE A 35 1.41 6.83 -3.38
N LEU A 36 2.24 7.15 -2.42
CA LEU A 36 3.41 6.31 -2.15
C LEU A 36 3.06 5.24 -1.12
N CYS A 37 3.65 4.09 -1.29
CA CYS A 37 3.39 2.98 -0.34
C CYS A 37 4.68 2.31 0.06
N HIS A 38 4.70 1.73 1.24
CA HIS A 38 5.94 1.05 1.71
C HIS A 38 5.64 -0.37 2.18
N ILE A 39 6.59 -1.24 1.98
CA ILE A 39 6.38 -2.65 2.41
C ILE A 39 6.79 -2.82 3.86
N SER A 40 6.40 -3.92 4.43
CA SER A 40 6.77 -4.16 5.84
C SER A 40 6.84 -5.65 6.16
N GLY A 41 7.54 -5.96 7.21
CA GLY A 41 7.67 -7.39 7.60
C GLY A 41 6.29 -8.05 7.68
N LYS A 42 5.27 -7.27 7.51
CA LYS A 42 3.90 -7.85 7.58
C LYS A 42 3.72 -8.87 6.50
N LEU A 43 3.83 -8.45 5.27
CA LEU A 43 3.65 -9.41 4.17
C LEU A 43 4.55 -10.60 4.40
N ARG A 44 5.56 -10.42 5.20
CA ARG A 44 6.48 -11.52 5.48
C ARG A 44 5.90 -12.37 6.58
N MET A 45 5.10 -11.76 7.40
CA MET A 45 4.48 -12.50 8.51
C MET A 45 3.16 -13.11 8.06
N ASN A 46 2.59 -12.56 7.02
CA ASN A 46 1.29 -13.11 6.52
C ASN A 46 1.53 -14.15 5.44
N PHE A 47 2.78 -14.44 5.17
CA PHE A 47 3.09 -15.45 4.13
C PHE A 47 2.38 -15.10 2.82
N ILE A 48 2.78 -14.01 2.23
CA ILE A 48 2.15 -13.60 0.96
C ILE A 48 3.15 -12.91 0.04
N ARG A 49 2.77 -12.77 -1.21
CA ARG A 49 3.68 -12.11 -2.18
C ARG A 49 2.91 -11.09 -3.01
N ILE A 50 3.55 -9.96 -3.28
CA ILE A 50 2.88 -8.91 -4.07
C ILE A 50 3.78 -8.38 -5.18
N LEU A 51 3.18 -7.97 -6.28
CA LEU A 51 3.98 -7.45 -7.41
C LEU A 51 3.25 -6.28 -8.08
N GLU A 52 3.84 -5.78 -9.14
CA GLU A 52 3.21 -4.65 -9.85
C GLU A 52 2.03 -5.11 -10.68
N GLY A 53 1.09 -4.23 -10.88
CA GLY A 53 -0.11 -4.61 -11.69
C GLY A 53 -1.11 -5.34 -10.80
N ASP A 54 -0.68 -5.75 -9.65
CA ASP A 54 -1.59 -6.47 -8.74
C ASP A 54 -2.29 -5.50 -7.80
N LYS A 55 -3.53 -5.78 -7.50
CA LYS A 55 -4.27 -4.88 -6.60
C LYS A 55 -3.84 -5.10 -5.18
N VAL A 56 -4.00 -4.08 -4.38
CA VAL A 56 -3.59 -4.23 -2.97
C VAL A 56 -4.35 -3.28 -2.05
N ASN A 57 -4.17 -3.48 -0.77
CA ASN A 57 -4.86 -2.61 0.21
C ASN A 57 -3.85 -1.61 0.76
N VAL A 58 -4.15 -0.35 0.64
CA VAL A 58 -3.22 0.68 1.14
C VAL A 58 -3.69 1.27 2.45
N GLU A 59 -2.77 1.37 3.37
CA GLU A 59 -3.10 1.93 4.70
C GLU A 59 -2.45 3.28 4.87
N LEU A 60 -3.24 4.32 4.91
CA LEU A 60 -2.64 5.65 5.08
C LEU A 60 -2.27 5.85 6.52
N SER A 61 -1.01 6.11 6.78
CA SER A 61 -0.57 6.31 8.18
C SER A 61 -0.89 7.74 8.68
N PRO A 62 -1.52 7.83 9.86
CA PRO A 62 -1.86 9.13 10.43
C PRO A 62 -0.60 9.96 10.68
N TYR A 63 0.52 9.38 10.38
CA TYR A 63 1.78 10.07 10.59
C TYR A 63 2.05 10.95 9.38
N ASP A 64 1.43 10.58 8.31
CA ASP A 64 1.61 11.35 7.07
C ASP A 64 0.60 10.89 6.03
N LEU A 65 -0.44 11.65 5.87
CA LEU A 65 -1.47 11.28 4.87
C LEU A 65 -0.95 11.44 3.47
N THR A 66 0.35 11.47 3.37
CA THR A 66 0.98 11.61 2.04
C THR A 66 1.52 10.26 1.55
N ARG A 67 1.55 9.31 2.45
CA ARG A 67 2.06 7.97 2.08
C ARG A 67 1.35 6.88 2.90
N GLY A 68 1.12 5.75 2.26
CA GLY A 68 0.45 4.62 2.98
C GLY A 68 1.35 3.39 2.98
N ARG A 69 0.77 2.24 3.12
CA ARG A 69 1.61 1.01 3.12
C ARG A 69 0.79 -0.22 2.74
N ILE A 70 1.44 -1.15 2.09
CA ILE A 70 0.74 -2.40 1.66
C ILE A 70 0.93 -3.47 2.70
N THR A 71 -0.15 -3.92 3.28
CA THR A 71 -0.06 -4.98 4.30
C THR A 71 -0.99 -6.14 3.97
N TRP A 72 -1.59 -6.12 2.80
CA TRP A 72 -2.50 -7.23 2.44
C TRP A 72 -2.99 -7.13 1.00
N ARG A 73 -2.67 -8.12 0.21
CA ARG A 73 -3.12 -8.08 -1.19
C ARG A 73 -4.64 -8.24 -1.24
N LYS A 74 -5.21 -7.87 -2.35
CA LYS A 74 -6.70 -8.01 -2.46
C LYS A 74 -7.15 -9.38 -1.96
N LYS A 75 -8.39 -9.47 -1.56
CA LYS A 75 -8.90 -10.79 -1.06
C LYS A 75 -8.60 -11.90 -2.05
N MET A 4 -19.94 5.04 11.29
CA MET A 4 -19.01 5.66 12.26
C MET A 4 -17.65 5.00 12.18
N ALA A 5 -16.63 5.73 12.56
CA ALA A 5 -15.26 5.15 12.51
C ALA A 5 -14.30 5.97 13.36
N LYS A 6 -14.39 5.82 14.65
CA LYS A 6 -13.48 6.59 15.54
C LYS A 6 -12.21 5.78 15.84
N LYS A 7 -11.12 6.47 16.00
CA LYS A 7 -9.85 5.76 16.29
C LYS A 7 -9.60 4.64 15.29
N ASP A 8 -9.00 4.98 14.17
CA ASP A 8 -8.73 3.94 13.15
C ASP A 8 -7.98 4.52 11.95
N VAL A 9 -7.12 3.72 11.39
CA VAL A 9 -6.34 4.20 10.22
C VAL A 9 -7.20 4.19 8.96
N ILE A 10 -6.67 4.70 7.88
CA ILE A 10 -7.46 4.71 6.61
C ILE A 10 -6.98 3.63 5.67
N GLU A 11 -7.71 2.54 5.60
CA GLU A 11 -7.31 1.43 4.70
C GLU A 11 -8.18 1.41 3.46
N LEU A 12 -7.55 1.57 2.32
CA LEU A 12 -8.31 1.57 1.04
C LEU A 12 -7.63 0.66 0.03
N GLU A 13 -8.36 0.27 -0.98
CA GLU A 13 -7.75 -0.62 -2.00
C GLU A 13 -7.08 0.20 -3.10
N GLY A 14 -5.90 -0.20 -3.46
CA GLY A 14 -5.18 0.55 -4.53
C GLY A 14 -4.37 -0.42 -5.36
N THR A 15 -4.10 -0.05 -6.58
CA THR A 15 -3.31 -0.93 -7.46
C THR A 15 -1.89 -0.42 -7.63
N VAL A 16 -0.94 -1.27 -7.37
CA VAL A 16 0.47 -0.82 -7.51
C VAL A 16 0.74 -0.35 -8.92
N SER A 17 1.26 0.85 -9.02
CA SER A 17 1.56 1.40 -10.36
C SER A 17 3.03 1.27 -10.75
N GLU A 18 3.93 1.47 -9.81
CA GLU A 18 5.38 1.35 -10.18
C GLU A 18 6.23 0.91 -9.00
N ALA A 19 7.13 0.00 -9.26
CA ALA A 19 8.02 -0.50 -8.18
C ALA A 19 9.23 0.40 -8.00
N LEU A 20 9.29 1.04 -6.85
CA LEU A 20 10.43 1.95 -6.58
C LEU A 20 11.46 1.25 -5.67
N PRO A 21 12.72 1.61 -5.83
CA PRO A 21 13.77 1.00 -5.03
C PRO A 21 13.51 1.17 -3.53
N ASN A 22 14.16 0.35 -2.76
CA ASN A 22 13.98 0.41 -1.29
C ASN A 22 12.66 -0.21 -0.85
N ALA A 23 12.19 -1.15 -1.62
CA ALA A 23 10.91 -1.83 -1.26
C ALA A 23 9.77 -0.82 -1.10
N MET A 24 9.47 -0.13 -2.16
CA MET A 24 8.39 0.85 -2.11
C MET A 24 7.81 1.01 -3.50
N PHE A 25 6.56 1.34 -3.58
CA PHE A 25 5.94 1.51 -4.93
C PHE A 25 4.90 2.62 -4.94
N LYS A 26 4.56 3.02 -6.14
CA LYS A 26 3.55 4.08 -6.30
C LYS A 26 2.23 3.42 -6.63
N VAL A 27 1.28 3.54 -5.74
CA VAL A 27 -0.04 2.92 -6.00
C VAL A 27 -0.98 3.91 -6.62
N LYS A 28 -1.90 3.40 -7.42
CA LYS A 28 -2.89 4.29 -8.08
C LYS A 28 -4.30 3.89 -7.70
N LEU A 29 -4.95 4.73 -6.94
CA LEU A 29 -6.32 4.42 -6.52
C LEU A 29 -7.29 4.55 -7.69
N GLU A 30 -8.44 3.97 -7.51
CA GLU A 30 -9.45 4.03 -8.60
C GLU A 30 -9.90 5.47 -8.82
N ASN A 31 -9.63 6.31 -7.86
CA ASN A 31 -10.03 7.73 -8.01
C ASN A 31 -9.26 8.39 -9.14
N GLY A 32 -8.19 7.76 -9.56
CA GLY A 32 -7.37 8.33 -10.67
C GLY A 32 -6.08 8.96 -10.13
N HIS A 33 -5.95 8.99 -8.83
CA HIS A 33 -4.72 9.58 -8.22
C HIS A 33 -3.78 8.49 -7.74
N GLU A 34 -2.64 8.89 -7.22
CA GLU A 34 -1.67 7.90 -6.72
C GLU A 34 -1.05 8.32 -5.42
N ILE A 35 -0.53 7.35 -4.71
CA ILE A 35 0.11 7.64 -3.41
C ILE A 35 1.34 6.78 -3.20
N LEU A 36 2.13 7.12 -2.23
CA LEU A 36 3.35 6.34 -1.96
C LEU A 36 3.06 5.23 -0.95
N CYS A 37 3.59 4.06 -1.20
CA CYS A 37 3.34 2.95 -0.25
C CYS A 37 4.58 2.08 -0.08
N HIS A 38 4.89 1.79 1.15
CA HIS A 38 6.09 0.96 1.42
C HIS A 38 5.68 -0.44 1.87
N ILE A 39 6.66 -1.29 2.08
CA ILE A 39 6.36 -2.67 2.52
C ILE A 39 6.65 -2.89 4.01
N SER A 40 6.17 -4.00 4.52
CA SER A 40 6.38 -4.32 5.94
C SER A 40 7.07 -5.67 6.08
N GLY A 41 8.30 -5.64 6.50
CA GLY A 41 9.06 -6.93 6.66
C GLY A 41 8.17 -8.01 7.26
N LYS A 42 7.18 -7.60 7.99
CA LYS A 42 6.28 -8.59 8.60
C LYS A 42 5.43 -9.28 7.55
N LEU A 43 4.71 -8.51 6.78
CA LEU A 43 3.87 -9.14 5.75
C LEU A 43 4.74 -10.08 4.94
N ARG A 44 6.02 -9.84 4.97
CA ARG A 44 6.92 -10.70 4.22
C ARG A 44 6.94 -12.06 4.87
N MET A 45 7.07 -12.05 6.18
CA MET A 45 7.09 -13.33 6.91
C MET A 45 5.85 -14.14 6.54
N ASN A 46 4.78 -13.45 6.25
CA ASN A 46 3.54 -14.17 5.88
C ASN A 46 3.60 -14.63 4.42
N PHE A 47 4.80 -14.68 3.90
CA PHE A 47 4.98 -15.11 2.48
C PHE A 47 3.88 -14.56 1.57
N ILE A 48 4.09 -13.37 1.06
CA ILE A 48 3.08 -12.75 0.17
C ILE A 48 3.76 -12.02 -0.97
N ARG A 49 4.00 -12.71 -2.04
CA ARG A 49 4.66 -12.06 -3.19
C ARG A 49 3.65 -11.26 -4.03
N ILE A 50 3.98 -10.02 -4.28
CA ILE A 50 3.07 -9.16 -5.08
C ILE A 50 3.85 -8.41 -6.16
N LEU A 51 3.38 -8.50 -7.38
CA LEU A 51 4.07 -7.81 -8.51
C LEU A 51 3.26 -6.62 -8.99
N GLU A 52 3.94 -5.63 -9.51
CA GLU A 52 3.25 -4.42 -9.99
C GLU A 52 1.94 -4.77 -10.70
N GLY A 53 1.00 -3.86 -10.65
CA GLY A 53 -0.30 -4.12 -11.32
C GLY A 53 -1.19 -4.94 -10.38
N ASP A 54 -0.61 -5.46 -9.34
CA ASP A 54 -1.41 -6.28 -8.39
C ASP A 54 -2.15 -5.38 -7.41
N LYS A 55 -3.41 -5.67 -7.22
CA LYS A 55 -4.18 -4.85 -6.29
C LYS A 55 -3.87 -5.20 -4.87
N VAL A 56 -3.87 -4.21 -4.05
CA VAL A 56 -3.58 -4.44 -2.63
C VAL A 56 -4.28 -3.44 -1.73
N ASN A 57 -4.25 -3.68 -0.44
CA ASN A 57 -4.92 -2.74 0.48
C ASN A 57 -3.90 -1.72 0.92
N VAL A 58 -4.21 -0.48 0.72
CA VAL A 58 -3.25 0.59 1.10
C VAL A 58 -3.67 1.29 2.38
N GLU A 59 -2.82 1.21 3.36
CA GLU A 59 -3.13 1.87 4.65
C GLU A 59 -2.53 3.26 4.63
N LEU A 60 -3.39 4.26 4.65
CA LEU A 60 -2.88 5.65 4.64
C LEU A 60 -2.94 6.27 6.02
N SER A 61 -2.01 7.15 6.28
CA SER A 61 -2.00 7.80 7.61
C SER A 61 -2.98 9.00 7.65
N PRO A 62 -3.95 8.96 8.57
CA PRO A 62 -4.94 10.04 8.68
C PRO A 62 -4.27 11.38 9.00
N TYR A 63 -3.04 11.32 9.43
CA TYR A 63 -2.31 12.56 9.76
C TYR A 63 -1.28 12.84 8.69
N ASP A 64 -1.09 11.85 7.85
CA ASP A 64 -0.11 11.99 6.77
C ASP A 64 -0.67 11.39 5.48
N LEU A 65 -1.56 12.12 4.85
CA LEU A 65 -2.16 11.61 3.59
C LEU A 65 -1.17 11.71 2.47
N THR A 66 0.08 11.63 2.83
CA THR A 66 1.14 11.71 1.81
C THR A 66 1.71 10.33 1.50
N ARG A 67 1.68 9.46 2.49
CA ARG A 67 2.21 8.09 2.27
C ARG A 67 1.34 7.03 2.92
N GLY A 68 1.51 5.82 2.46
CA GLY A 68 0.73 4.69 3.00
C GLY A 68 1.61 3.43 3.02
N ARG A 69 1.00 2.30 3.02
CA ARG A 69 1.83 1.06 3.04
C ARG A 69 1.04 -0.18 2.67
N ILE A 70 1.66 -1.04 1.90
CA ILE A 70 0.98 -2.29 1.47
C ILE A 70 1.30 -3.41 2.45
N THR A 71 0.32 -3.79 3.23
CA THR A 71 0.53 -4.87 4.22
C THR A 71 -0.53 -5.95 4.12
N TRP A 72 -1.36 -5.89 3.10
CA TRP A 72 -2.40 -6.92 2.98
C TRP A 72 -3.04 -6.97 1.61
N ARG A 73 -2.94 -8.09 0.96
CA ARG A 73 -3.53 -8.21 -0.38
C ARG A 73 -5.05 -8.38 -0.24
N LYS A 74 -5.77 -7.96 -1.24
CA LYS A 74 -7.25 -8.09 -1.18
C LYS A 74 -7.71 -9.50 -1.52
N LYS A 75 -8.78 -9.92 -0.91
CA LYS A 75 -9.29 -11.30 -1.18
C LYS A 75 -8.29 -12.36 -0.74
N MET A 4 -15.31 2.07 16.76
CA MET A 4 -14.65 2.42 18.04
C MET A 4 -13.14 2.32 17.89
N ALA A 5 -12.63 1.12 18.01
CA ALA A 5 -11.16 0.94 17.88
C ALA A 5 -10.77 0.79 16.42
N LYS A 6 -11.75 0.57 15.59
CA LYS A 6 -11.45 0.42 14.14
C LYS A 6 -11.60 1.75 13.42
N LYS A 7 -11.18 2.81 14.07
CA LYS A 7 -11.28 4.15 13.45
C LYS A 7 -10.08 5.01 13.81
N ASP A 8 -8.98 4.76 13.17
CA ASP A 8 -7.76 5.56 13.47
C ASP A 8 -6.84 5.60 12.26
N VAL A 9 -7.42 5.36 11.11
CA VAL A 9 -6.62 5.38 9.87
C VAL A 9 -7.53 5.25 8.66
N ILE A 10 -6.97 5.48 7.49
CA ILE A 10 -7.80 5.38 6.25
C ILE A 10 -7.30 4.21 5.41
N GLU A 11 -8.00 3.12 5.49
CA GLU A 11 -7.60 1.93 4.70
C GLU A 11 -8.41 1.84 3.42
N LEU A 12 -7.71 1.78 2.32
CA LEU A 12 -8.41 1.68 1.02
C LEU A 12 -7.67 0.75 0.08
N GLU A 13 -8.38 0.15 -0.82
CA GLU A 13 -7.74 -0.77 -1.77
C GLU A 13 -7.22 0.01 -2.97
N GLY A 14 -6.05 -0.34 -3.41
CA GLY A 14 -5.48 0.39 -4.58
C GLY A 14 -4.76 -0.60 -5.49
N THR A 15 -4.17 -0.08 -6.53
CA THR A 15 -3.45 -0.97 -7.46
C THR A 15 -2.05 -0.46 -7.70
N VAL A 16 -1.08 -1.29 -7.45
CA VAL A 16 0.32 -0.86 -7.66
C VAL A 16 0.55 -0.47 -9.10
N SER A 17 1.18 0.67 -9.29
CA SER A 17 1.45 1.14 -10.67
C SER A 17 2.93 1.08 -11.01
N GLU A 18 3.78 1.23 -10.02
CA GLU A 18 5.24 1.18 -10.32
C GLU A 18 6.03 0.63 -9.14
N ALA A 19 7.21 0.12 -9.43
CA ALA A 19 8.06 -0.45 -8.36
C ALA A 19 9.33 0.38 -8.18
N LEU A 20 9.57 0.81 -6.95
CA LEU A 20 10.78 1.63 -6.68
C LEU A 20 11.69 0.94 -5.65
N PRO A 21 12.99 1.19 -5.75
CA PRO A 21 13.96 0.59 -4.83
C PRO A 21 13.67 0.99 -3.40
N ASN A 22 14.37 0.38 -2.49
CA ASN A 22 14.18 0.69 -1.05
C ASN A 22 12.80 0.21 -0.55
N ALA A 23 12.32 -0.86 -1.12
CA ALA A 23 11.00 -1.38 -0.69
C ALA A 23 9.92 -0.31 -0.78
N MET A 24 9.80 0.29 -1.94
CA MET A 24 8.78 1.35 -2.13
C MET A 24 8.17 1.22 -3.52
N PHE A 25 6.90 1.46 -3.60
CA PHE A 25 6.24 1.36 -4.93
C PHE A 25 5.16 2.42 -5.09
N LYS A 26 4.85 2.72 -6.32
CA LYS A 26 3.80 3.74 -6.57
C LYS A 26 2.46 3.07 -6.82
N VAL A 27 1.46 3.51 -6.11
CA VAL A 27 0.11 2.92 -6.29
C VAL A 27 -0.88 3.97 -6.70
N LYS A 28 -1.86 3.55 -7.43
CA LYS A 28 -2.91 4.51 -7.90
C LYS A 28 -4.29 4.02 -7.53
N LEU A 29 -5.04 4.89 -6.90
CA LEU A 29 -6.39 4.53 -6.50
C LEU A 29 -7.39 4.76 -7.63
N GLU A 30 -8.33 3.88 -7.73
CA GLU A 30 -9.34 4.03 -8.81
C GLU A 30 -9.89 5.44 -8.81
N ASN A 31 -9.85 6.08 -7.66
CA ASN A 31 -10.36 7.45 -7.57
C ASN A 31 -9.52 8.39 -8.42
N GLY A 32 -8.35 7.92 -8.79
CA GLY A 32 -7.44 8.76 -9.64
C GLY A 32 -6.28 9.33 -8.83
N HIS A 33 -6.23 9.02 -7.54
CA HIS A 33 -5.11 9.56 -6.72
C HIS A 33 -3.95 8.59 -6.63
N GLU A 34 -2.75 9.15 -6.60
CA GLU A 34 -1.54 8.30 -6.51
C GLU A 34 -0.94 8.38 -5.12
N ILE A 35 -0.45 7.27 -4.62
CA ILE A 35 0.16 7.28 -3.27
C ILE A 35 1.41 6.44 -3.20
N LEU A 36 2.33 6.87 -2.38
CA LEU A 36 3.59 6.10 -2.24
C LEU A 36 3.43 5.15 -1.09
N CYS A 37 3.66 3.88 -1.34
CA CYS A 37 3.52 2.89 -0.24
C CYS A 37 4.82 2.17 0.07
N HIS A 38 4.91 1.69 1.28
CA HIS A 38 6.14 0.96 1.70
C HIS A 38 5.78 -0.49 2.08
N ILE A 39 6.75 -1.36 1.99
CA ILE A 39 6.47 -2.78 2.33
C ILE A 39 6.83 -3.10 3.78
N SER A 40 6.12 -4.03 4.34
CA SER A 40 6.39 -4.41 5.74
C SER A 40 7.45 -5.51 5.81
N GLY A 41 7.67 -6.02 7.00
CA GLY A 41 8.69 -7.10 7.15
C GLY A 41 8.13 -8.47 6.73
N LYS A 42 6.84 -8.61 6.74
CA LYS A 42 6.26 -9.92 6.35
C LYS A 42 6.39 -10.17 4.85
N LEU A 43 5.89 -9.28 4.06
CA LEU A 43 5.99 -9.48 2.60
C LEU A 43 7.44 -9.68 2.27
N ARG A 44 8.26 -9.22 3.14
CA ARG A 44 9.69 -9.34 2.93
C ARG A 44 10.11 -10.78 3.14
N MET A 45 9.52 -11.40 4.14
CA MET A 45 9.85 -12.81 4.42
C MET A 45 9.27 -13.72 3.35
N ASN A 46 8.14 -13.34 2.81
CA ASN A 46 7.52 -14.19 1.76
C ASN A 46 8.30 -14.07 0.45
N PHE A 47 8.82 -12.90 0.21
CA PHE A 47 9.61 -12.68 -1.04
C PHE A 47 8.96 -13.37 -2.24
N ILE A 48 7.77 -12.98 -2.56
CA ILE A 48 7.09 -13.61 -3.71
C ILE A 48 7.47 -12.90 -5.00
N ARG A 49 6.72 -13.15 -6.05
CA ARG A 49 7.01 -12.49 -7.34
C ARG A 49 5.83 -11.66 -7.79
N ILE A 50 5.65 -10.53 -7.15
CA ILE A 50 4.53 -9.63 -7.52
C ILE A 50 5.01 -8.54 -8.45
N LEU A 51 4.17 -8.15 -9.38
CA LEU A 51 4.55 -7.08 -10.34
C LEU A 51 3.50 -5.98 -10.36
N GLU A 52 3.93 -4.78 -10.69
CA GLU A 52 2.97 -3.65 -10.73
C GLU A 52 1.65 -4.07 -11.34
N GLY A 53 0.60 -3.40 -10.96
CA GLY A 53 -0.74 -3.74 -11.50
C GLY A 53 -1.47 -4.64 -10.52
N ASP A 54 -0.74 -5.19 -9.58
CA ASP A 54 -1.36 -6.07 -8.59
C ASP A 54 -2.13 -5.25 -7.57
N LYS A 55 -3.35 -5.65 -7.30
CA LYS A 55 -4.15 -4.90 -6.33
C LYS A 55 -3.74 -5.24 -4.94
N VAL A 56 -3.84 -4.26 -4.11
CA VAL A 56 -3.47 -4.47 -2.70
C VAL A 56 -4.23 -3.54 -1.77
N ASN A 57 -4.08 -3.78 -0.48
CA ASN A 57 -4.77 -2.91 0.50
C ASN A 57 -3.79 -1.87 0.99
N VAL A 58 -4.09 -0.63 0.73
CA VAL A 58 -3.18 0.46 1.18
C VAL A 58 -3.70 1.20 2.39
N GLU A 59 -2.87 1.28 3.40
CA GLU A 59 -3.27 1.99 4.62
C GLU A 59 -2.62 3.36 4.61
N LEU A 60 -3.45 4.39 4.60
CA LEU A 60 -2.89 5.77 4.58
C LEU A 60 -2.90 6.38 5.98
N SER A 61 -1.95 7.24 6.25
CA SER A 61 -1.91 7.88 7.59
C SER A 61 -2.74 9.18 7.61
N PRO A 62 -3.53 9.38 8.67
CA PRO A 62 -4.35 10.58 8.80
C PRO A 62 -3.51 11.85 8.79
N TYR A 63 -2.22 11.68 8.90
CA TYR A 63 -1.31 12.83 8.91
C TYR A 63 -0.67 12.98 7.56
N ASP A 64 -0.78 11.94 6.78
CA ASP A 64 -0.19 11.96 5.44
C ASP A 64 -1.06 11.21 4.45
N LEU A 65 -2.10 11.84 4.00
CA LEU A 65 -3.00 11.17 3.03
C LEU A 65 -2.31 11.04 1.69
N THR A 66 -1.01 11.12 1.73
CA THR A 66 -0.22 11.00 0.49
C THR A 66 0.72 9.81 0.58
N ARG A 67 0.81 9.24 1.77
CA ARG A 67 1.70 8.06 1.96
C ARG A 67 0.98 6.95 2.73
N GLY A 68 1.26 5.75 2.37
CA GLY A 68 0.62 4.60 3.06
C GLY A 68 1.54 3.38 3.01
N ARG A 69 0.96 2.21 3.08
CA ARG A 69 1.81 1.00 3.03
C ARG A 69 1.01 -0.26 2.70
N ILE A 70 1.65 -1.19 2.00
CA ILE A 70 0.94 -2.45 1.62
C ILE A 70 1.20 -3.52 2.67
N THR A 71 0.18 -3.85 3.40
CA THR A 71 0.34 -4.90 4.44
C THR A 71 -0.56 -6.07 4.16
N TRP A 72 -1.19 -6.05 3.01
CA TRP A 72 -2.08 -7.17 2.67
C TRP A 72 -2.47 -7.14 1.20
N ARG A 73 -1.97 -8.09 0.47
CA ARG A 73 -2.30 -8.14 -0.96
C ARG A 73 -3.72 -8.68 -1.17
N LYS A 74 -4.46 -8.06 -2.04
CA LYS A 74 -5.85 -8.53 -2.28
C LYS A 74 -5.86 -10.02 -2.60
N LYS A 75 -6.91 -10.68 -2.16
CA LYS A 75 -7.01 -12.14 -2.43
C LYS A 75 -8.44 -12.63 -2.23
N MET A 4 -15.00 -1.80 12.53
CA MET A 4 -14.16 -0.61 12.27
C MET A 4 -14.57 0.52 13.22
N ALA A 5 -13.59 1.07 13.91
CA ALA A 5 -13.90 2.17 14.85
C ALA A 5 -14.01 3.51 14.12
N LYS A 6 -14.16 3.44 12.82
CA LYS A 6 -14.29 4.68 12.03
C LYS A 6 -13.07 5.58 12.25
N LYS A 7 -13.01 6.66 11.52
CA LYS A 7 -11.86 7.58 11.67
C LYS A 7 -10.54 6.80 11.67
N ASP A 8 -9.52 7.41 12.20
CA ASP A 8 -8.20 6.72 12.23
C ASP A 8 -7.59 6.70 10.84
N VAL A 9 -6.90 5.64 10.53
CA VAL A 9 -6.28 5.54 9.19
C VAL A 9 -7.33 5.26 8.14
N ILE A 10 -7.02 5.60 6.91
CA ILE A 10 -7.99 5.35 5.82
C ILE A 10 -7.60 4.10 5.06
N GLU A 11 -8.26 3.03 5.36
CA GLU A 11 -7.93 1.76 4.67
C GLU A 11 -8.68 1.67 3.36
N LEU A 12 -7.96 1.73 2.27
CA LEU A 12 -8.61 1.64 0.94
C LEU A 12 -7.80 0.76 0.01
N GLU A 13 -8.48 0.10 -0.89
CA GLU A 13 -7.76 -0.78 -1.83
C GLU A 13 -7.35 -0.03 -3.08
N GLY A 14 -6.20 -0.38 -3.60
CA GLY A 14 -5.74 0.32 -4.83
C GLY A 14 -4.98 -0.66 -5.71
N THR A 15 -4.11 -0.14 -6.52
CA THR A 15 -3.33 -1.03 -7.41
C THR A 15 -1.93 -0.51 -7.61
N VAL A 16 -0.97 -1.37 -7.43
CA VAL A 16 0.44 -0.94 -7.60
C VAL A 16 0.66 -0.44 -9.01
N SER A 17 1.11 0.79 -9.12
CA SER A 17 1.34 1.37 -10.46
C SER A 17 2.82 1.34 -10.87
N GLU A 18 3.72 1.42 -9.92
CA GLU A 18 5.16 1.39 -10.29
C GLU A 18 6.01 0.78 -9.18
N ALA A 19 7.15 0.25 -9.58
CA ALA A 19 8.06 -0.38 -8.58
C ALA A 19 9.29 0.49 -8.37
N LEU A 20 9.52 0.86 -7.13
CA LEU A 20 10.71 1.72 -6.81
C LEU A 20 11.63 1.04 -5.79
N PRO A 21 12.91 1.35 -5.85
CA PRO A 21 13.88 0.76 -4.92
C PRO A 21 13.57 1.14 -3.49
N ASN A 22 14.41 0.69 -2.59
CA ASN A 22 14.21 0.99 -1.16
C ASN A 22 12.97 0.29 -0.58
N ALA A 23 12.48 -0.68 -1.30
CA ALA A 23 11.28 -1.42 -0.80
C ALA A 23 10.02 -0.54 -0.79
N MET A 24 9.83 0.20 -1.85
CA MET A 24 8.65 1.07 -1.92
C MET A 24 8.14 1.14 -3.34
N PHE A 25 6.88 1.37 -3.49
CA PHE A 25 6.30 1.44 -4.86
C PHE A 25 5.19 2.48 -4.96
N LYS A 26 4.83 2.81 -6.16
CA LYS A 26 3.76 3.81 -6.38
C LYS A 26 2.44 3.09 -6.59
N VAL A 27 1.47 3.42 -5.77
CA VAL A 27 0.14 2.76 -5.91
C VAL A 27 -0.94 3.77 -6.23
N LYS A 28 -1.83 3.37 -7.09
CA LYS A 28 -2.94 4.29 -7.48
C LYS A 28 -4.28 3.69 -7.11
N LEU A 29 -4.94 4.34 -6.18
CA LEU A 29 -6.25 3.85 -5.75
C LEU A 29 -7.26 3.97 -6.85
N GLU A 30 -8.07 2.96 -7.01
CA GLU A 30 -9.08 3.04 -8.08
C GLU A 30 -9.82 4.36 -7.97
N ASN A 31 -9.61 5.04 -6.87
CA ASN A 31 -10.28 6.33 -6.67
C ASN A 31 -9.66 7.39 -7.56
N GLY A 32 -8.47 7.11 -8.05
CA GLY A 32 -7.77 8.08 -8.95
C GLY A 32 -6.58 8.77 -8.24
N HIS A 33 -6.34 8.41 -7.00
CA HIS A 33 -5.19 9.04 -6.28
C HIS A 33 -3.96 8.15 -6.22
N GLU A 34 -2.82 8.75 -6.48
CA GLU A 34 -1.55 7.99 -6.46
C GLU A 34 -0.72 8.39 -5.25
N ILE A 35 -0.22 7.40 -4.54
CA ILE A 35 0.60 7.71 -3.34
C ILE A 35 1.76 6.75 -3.22
N LEU A 36 2.71 7.09 -2.38
CA LEU A 36 3.86 6.21 -2.20
C LEU A 36 3.57 5.21 -1.10
N CYS A 37 3.88 3.97 -1.35
CA CYS A 37 3.62 2.93 -0.30
C CYS A 37 4.84 2.10 -0.01
N HIS A 38 4.93 1.66 1.22
CA HIS A 38 6.08 0.82 1.64
C HIS A 38 5.57 -0.57 2.02
N ILE A 39 6.43 -1.55 1.92
CA ILE A 39 5.99 -2.92 2.27
C ILE A 39 6.24 -3.23 3.74
N SER A 40 5.45 -4.13 4.26
CA SER A 40 5.61 -4.52 5.67
C SER A 40 6.72 -5.55 5.81
N GLY A 41 7.65 -5.27 6.65
CA GLY A 41 8.78 -6.23 6.85
C GLY A 41 8.26 -7.64 7.12
N LYS A 42 6.98 -7.77 7.40
CA LYS A 42 6.43 -9.11 7.67
C LYS A 42 6.16 -9.87 6.38
N LEU A 43 5.27 -9.36 5.59
CA LEU A 43 4.98 -10.07 4.33
C LEU A 43 6.26 -10.16 3.54
N ARG A 44 7.20 -9.32 3.89
CA ARG A 44 8.49 -9.33 3.19
C ARG A 44 9.25 -10.58 3.57
N MET A 45 9.18 -10.92 4.83
CA MET A 45 9.88 -12.12 5.29
C MET A 45 9.33 -13.35 4.59
N ASN A 46 8.04 -13.34 4.34
CA ASN A 46 7.44 -14.51 3.65
C ASN A 46 8.10 -14.71 2.29
N PHE A 47 9.04 -13.86 1.97
CA PHE A 47 9.73 -13.98 0.67
C PHE A 47 8.74 -13.96 -0.50
N ILE A 48 7.80 -13.06 -0.44
CA ILE A 48 6.80 -12.99 -1.53
C ILE A 48 7.16 -11.89 -2.53
N ARG A 49 6.65 -12.01 -3.72
CA ARG A 49 6.95 -10.99 -4.74
C ARG A 49 5.79 -10.86 -5.73
N ILE A 50 4.98 -9.87 -5.51
CA ILE A 50 3.83 -9.65 -6.42
C ILE A 50 4.24 -8.79 -7.62
N LEU A 51 3.61 -9.02 -8.74
CA LEU A 51 3.95 -8.23 -9.95
C LEU A 51 3.20 -6.90 -9.97
N GLU A 52 3.91 -5.84 -10.28
CA GLU A 52 3.26 -4.52 -10.32
C GLU A 52 1.93 -4.59 -11.04
N GLY A 53 1.04 -3.70 -10.69
CA GLY A 53 -0.29 -3.70 -11.33
C GLY A 53 -1.26 -4.54 -10.51
N ASP A 54 -0.71 -5.32 -9.61
CA ASP A 54 -1.58 -6.15 -8.76
C ASP A 54 -2.30 -5.29 -7.73
N LYS A 55 -3.44 -5.75 -7.31
CA LYS A 55 -4.19 -4.97 -6.33
C LYS A 55 -3.71 -5.23 -4.93
N VAL A 56 -3.78 -4.21 -4.13
CA VAL A 56 -3.33 -4.35 -2.74
C VAL A 56 -4.11 -3.41 -1.82
N ASN A 57 -4.02 -3.67 -0.54
CA ASN A 57 -4.73 -2.79 0.41
C ASN A 57 -3.78 -1.69 0.84
N VAL A 58 -4.17 -0.46 0.60
CA VAL A 58 -3.30 0.67 0.99
C VAL A 58 -3.80 1.39 2.22
N GLU A 59 -2.94 1.47 3.20
CA GLU A 59 -3.31 2.16 4.46
C GLU A 59 -2.68 3.54 4.47
N LEU A 60 -3.51 4.56 4.42
CA LEU A 60 -2.95 5.94 4.43
C LEU A 60 -2.77 6.43 5.85
N SER A 61 -1.61 6.99 6.13
CA SER A 61 -1.36 7.50 7.50
C SER A 61 -1.89 8.94 7.67
N PRO A 62 -2.79 9.15 8.63
CA PRO A 62 -3.35 10.47 8.87
C PRO A 62 -2.26 11.46 9.28
N TYR A 63 -1.10 10.93 9.54
CA TYR A 63 0.00 11.78 9.95
C TYR A 63 0.81 12.13 8.73
N ASP A 64 0.59 11.37 7.70
CA ASP A 64 1.30 11.60 6.44
C ASP A 64 0.37 11.34 5.26
N LEU A 65 -0.43 12.31 4.93
CA LEU A 65 -1.36 12.13 3.80
C LEU A 65 -0.62 12.13 2.48
N THR A 66 0.63 11.79 2.56
CA THR A 66 1.48 11.74 1.34
C THR A 66 2.08 10.34 1.18
N ARG A 67 1.89 9.51 2.16
CA ARG A 67 2.44 8.13 2.09
C ARG A 67 1.46 7.10 2.66
N GLY A 68 1.55 5.90 2.16
CA GLY A 68 0.64 4.81 2.63
C GLY A 68 1.47 3.53 2.80
N ARG A 69 0.81 2.42 2.96
CA ARG A 69 1.61 1.17 3.12
C ARG A 69 0.83 -0.08 2.73
N ILE A 70 1.46 -0.89 1.93
CA ILE A 70 0.82 -2.15 1.48
C ILE A 70 1.22 -3.25 2.43
N THR A 71 0.28 -3.74 3.18
CA THR A 71 0.59 -4.83 4.13
C THR A 71 -0.34 -6.01 3.95
N TRP A 72 -1.14 -5.97 2.91
CA TRP A 72 -2.07 -7.10 2.69
C TRP A 72 -2.56 -7.14 1.24
N ARG A 73 -2.15 -8.15 0.53
CA ARG A 73 -2.57 -8.26 -0.88
C ARG A 73 -4.03 -8.70 -0.96
N LYS A 74 -4.76 -8.15 -1.90
CA LYS A 74 -6.19 -8.53 -2.04
C LYS A 74 -6.34 -9.76 -2.92
N LYS A 75 -7.50 -10.37 -2.87
CA LYS A 75 -7.73 -11.58 -3.70
C LYS A 75 -9.21 -11.98 -3.65
#